data_1FDO
#
_entry.id   1FDO
#
_cell.length_a   146.600
_cell.length_b   146.600
_cell.length_c   81.100
_cell.angle_alpha   90.00
_cell.angle_beta   90.00
_cell.angle_gamma   90.00
#
_symmetry.space_group_name_H-M   'P 41 21 2'
#
loop_
_entity.id
_entity.type
_entity.pdbx_description
1 polymer 'FORMATE DEHYDROGENASE H'
2 non-polymer 'IRON/SULFUR CLUSTER'
3 non-polymer '2-AMINO-5,6-DIMERCAPTO-7-METHYL-3,7,8A,9-TETRAHYDRO-8-OXA-1,3,9,10-TETRAAZA-ANTHRACEN-4-ONE GUANOSINE DINUCLEOTIDE'
4 non-polymer 'MOLYBDENUM(VI) ION'
5 water water
#
_entity_poly.entity_id   1
_entity_poly.type   'polypeptide(L)'
_entity_poly.pdbx_seq_one_letter_code
;MKKVVTVCPYCASGCKINLVVDNGKIVRAEAAQGKTNQGTLCLKGYYGWDFINDTQILTPRLKTPMIRRQRGGKLEPVSW
DEALNYVAERLSAIKEKYGPDAIQTTGSSRGTGNETNYVMQKFARAVIGTNNVDCCARVUHGPSVAGLHQSVGNGAMSNA
INEIDNTDLVFVFGYNPADSHPIVANHVINAKRNGAKIIVCDPRKIETARIADMHIALKNGSNIALLNAMGHVIIEENLY
DKAFVASRTEGFEEYRKIVEGYTPESVEDITGVSASEIRQAARMYAQAKSAAILWGMGVTQFYQGVETVRSLTSLAMLTG
NLGKPHAGVNPVRGQNNVQGACDMGALPDTYPGYQYVKDPANREKFAKAWGVESLPAHTGYRISELPHRAAHGEVRAAYI
MGEDPLQTDAELSAVRKAFEDLELVIVQDIFMTKTASAADVILPSTSWGEHEGVFTAADRGFQRFFKAVEPKWDLKTDWQ
IISEIATRMGYPMHYNNTQEIWDELRHLCPDFYGATYEKMGELGFIQWPCRDTSDADQGTSYLFKEKFDTPNGLAQFFTC
DWVAPIDKLTDEYPMVLSTVREVGHYSCRSMTGNCAALAALADEPGYAQINTEDAKRLGIEDEALVWVHSRKGKIITRAQ
VSDRPNKGAIYMTYQWWIGACNELVTENLSPITKTPEYKYCAVRVEPIADQRAAEQYVIDEYNKLKTRLREAALA
;
_entity_poly.pdbx_strand_id   A
#
loop_
_chem_comp.id
_chem_comp.type
_chem_comp.name
_chem_comp.formula
6MO non-polymer 'MOLYBDENUM(VI) ION' 'Mo 6'
MGD non-polymer '2-AMINO-5,6-DIMERCAPTO-7-METHYL-3,7,8A,9-TETRAHYDRO-8-OXA-1,3,9,10-TETRAAZA-ANTHRACEN-4-ONE GUANOSINE DINUCLEOTIDE' 'C20 H26 N10 O13 P2 S2'
SF4 non-polymer 'IRON/SULFUR CLUSTER' 'Fe4 S4'
#
# COMPACT_ATOMS: atom_id res chain seq x y z
N MET A 1 -30.09 5.32 20.31
CA MET A 1 -29.19 5.83 19.24
C MET A 1 -27.87 5.77 19.95
N LYS A 2 -26.83 5.30 19.28
CA LYS A 2 -25.54 5.19 19.93
C LYS A 2 -24.41 5.50 18.96
N LYS A 3 -23.20 5.54 19.50
CA LYS A 3 -22.01 5.80 18.74
C LYS A 3 -21.04 4.66 18.95
N VAL A 4 -20.44 4.19 17.86
CA VAL A 4 -19.48 3.09 17.87
C VAL A 4 -18.19 3.65 17.33
N VAL A 5 -17.12 3.52 18.10
CA VAL A 5 -15.80 4.01 17.72
C VAL A 5 -15.13 3.10 16.70
N THR A 6 -14.45 3.69 15.73
CA THR A 6 -13.77 2.89 14.73
C THR A 6 -12.61 3.70 14.21
N VAL A 7 -11.83 3.10 13.32
CA VAL A 7 -10.69 3.74 12.72
C VAL A 7 -11.06 3.75 11.24
N CYS A 8 -10.63 4.77 10.49
CA CYS A 8 -10.98 4.82 9.08
C CYS A 8 -10.26 3.75 8.25
N PRO A 9 -11.01 3.01 7.42
CA PRO A 9 -10.58 1.93 6.51
C PRO A 9 -9.94 2.39 5.18
N TYR A 10 -9.72 3.68 5.04
CA TYR A 10 -9.17 4.19 3.81
C TYR A 10 -7.69 4.32 3.94
N CYS A 11 -7.17 5.53 4.17
CA CYS A 11 -5.72 5.64 4.28
C CYS A 11 -5.09 5.28 5.64
N ALA A 12 -3.77 5.25 5.71
CA ALA A 12 -3.07 4.90 6.96
C ALA A 12 -2.91 6.04 7.95
N SER A 13 -3.71 7.10 7.82
CA SER A 13 -3.61 8.20 8.75
C SER A 13 -4.08 7.70 10.11
N GLY A 14 -4.96 6.70 10.09
CA GLY A 14 -5.47 6.12 11.32
C GLY A 14 -6.44 6.98 12.07
N CYS A 15 -7.23 7.73 11.31
CA CYS A 15 -8.25 8.61 11.89
C CYS A 15 -9.32 7.81 12.63
N LYS A 16 -9.61 8.23 13.87
CA LYS A 16 -10.65 7.63 14.72
C LYS A 16 -12.01 8.26 14.38
N ILE A 17 -13.01 7.41 14.15
CA ILE A 17 -14.36 7.82 13.79
C ILE A 17 -15.41 7.32 14.80
N ASN A 18 -16.50 8.08 14.94
CA ASN A 18 -17.63 7.72 15.78
C ASN A 18 -18.70 7.48 14.73
N LEU A 19 -19.15 6.24 14.61
CA LEU A 19 -20.19 5.88 13.67
C LEU A 19 -21.44 5.90 14.52
N VAL A 20 -22.41 6.74 14.17
CA VAL A 20 -23.66 6.82 14.92
C VAL A 20 -24.56 5.71 14.39
N VAL A 21 -24.99 4.80 15.24
CA VAL A 21 -25.89 3.74 14.80
C VAL A 21 -27.24 4.05 15.39
N ASP A 22 -28.28 3.82 14.60
CA ASP A 22 -29.64 4.05 15.05
C ASP A 22 -30.45 2.87 14.54
N ASN A 23 -31.10 2.19 15.49
CA ASN A 23 -31.86 0.97 15.26
C ASN A 23 -30.79 -0.06 14.92
N GLY A 24 -30.80 -0.63 13.73
CA GLY A 24 -29.73 -1.57 13.44
C GLY A 24 -28.97 -1.14 12.22
N LYS A 25 -28.83 0.17 12.06
CA LYS A 25 -28.17 0.71 10.88
C LYS A 25 -27.19 1.84 11.18
N ILE A 26 -26.14 1.95 10.36
CA ILE A 26 -25.18 3.03 10.52
C ILE A 26 -25.87 4.23 9.90
N VAL A 27 -25.90 5.31 10.67
CA VAL A 27 -26.58 6.52 10.31
C VAL A 27 -25.71 7.68 9.83
N ARG A 28 -24.55 7.82 10.45
CA ARG A 28 -23.66 8.91 10.13
C ARG A 28 -22.29 8.60 10.73
N ALA A 29 -21.26 9.29 10.22
CA ALA A 29 -19.89 9.14 10.64
C ALA A 29 -19.42 10.51 11.08
N GLU A 30 -18.65 10.57 12.15
CA GLU A 30 -18.14 11.84 12.62
C GLU A 30 -16.78 11.63 13.27
N ALA A 31 -15.87 12.56 13.04
CA ALA A 31 -14.55 12.44 13.62
C ALA A 31 -14.59 12.21 15.12
N ALA A 32 -13.63 11.43 15.61
CA ALA A 32 -13.50 11.14 17.03
C ALA A 32 -12.18 11.80 17.42
N GLN A 33 -11.89 11.94 18.71
CA GLN A 33 -10.64 12.56 19.10
C GLN A 33 -9.49 11.54 19.12
N GLY A 34 -9.17 11.02 17.94
CA GLY A 34 -8.08 10.07 17.82
C GLY A 34 -6.76 10.83 18.00
N LYS A 35 -5.66 10.07 18.04
CA LYS A 35 -4.33 10.61 18.26
C LYS A 35 -3.80 11.39 17.06
N THR A 36 -4.07 10.90 15.86
CA THR A 36 -3.60 11.55 14.64
C THR A 36 -4.51 12.66 14.15
N ASN A 37 -5.79 12.33 14.00
CA ASN A 37 -6.79 13.25 13.47
C ASN A 37 -7.41 14.24 14.42
N GLN A 38 -7.51 13.90 15.70
CA GLN A 38 -8.09 14.81 16.67
C GLN A 38 -9.32 15.59 16.20
N GLY A 39 -10.43 14.88 16.02
CA GLY A 39 -11.64 15.56 15.61
C GLY A 39 -11.80 15.93 14.16
N THR A 40 -10.83 15.60 13.32
CA THR A 40 -11.00 15.90 11.93
C THR A 40 -11.02 14.64 11.10
N LEU A 41 -11.53 14.76 9.89
CA LEU A 41 -11.61 13.68 8.92
C LEU A 41 -11.66 14.39 7.58
N CYS A 42 -11.46 13.63 6.52
CA CYS A 42 -11.51 14.19 5.18
C CYS A 42 -12.78 13.63 4.56
N LEU A 43 -13.15 14.14 3.39
CA LEU A 43 -14.35 13.71 2.66
C LEU A 43 -14.61 12.21 2.71
N LYS A 44 -13.61 11.39 2.43
CA LYS A 44 -13.80 9.93 2.44
C LYS A 44 -14.16 9.36 3.81
N GLY A 45 -13.43 9.77 4.85
CA GLY A 45 -13.74 9.25 6.17
C GLY A 45 -15.16 9.62 6.51
N TYR A 46 -15.54 10.85 6.16
CA TYR A 46 -16.87 11.43 6.43
C TYR A 46 -18.01 10.84 5.61
N TYR A 47 -17.78 10.68 4.31
CA TYR A 47 -18.81 10.18 3.41
C TYR A 47 -18.69 8.73 2.93
N GLY A 48 -17.49 8.18 2.98
CA GLY A 48 -17.32 6.82 2.49
C GLY A 48 -17.69 5.61 3.34
N TRP A 49 -18.88 5.57 3.95
CA TRP A 49 -19.28 4.40 4.77
C TRP A 49 -20.59 3.73 4.33
N ASP A 50 -21.35 4.37 3.47
CA ASP A 50 -22.61 3.75 3.09
C ASP A 50 -22.49 2.59 2.11
N PHE A 51 -21.26 2.09 1.90
CA PHE A 51 -21.02 0.94 1.00
C PHE A 51 -21.34 -0.36 1.73
N ILE A 52 -21.45 -0.28 3.07
CA ILE A 52 -21.78 -1.43 3.91
C ILE A 52 -23.22 -1.83 3.59
N ASN A 53 -24.03 -0.83 3.23
CA ASN A 53 -25.44 -1.05 2.94
C ASN A 53 -25.88 -1.53 1.55
N ASP A 54 -24.93 -1.98 0.74
CA ASP A 54 -25.21 -2.54 -0.57
C ASP A 54 -25.96 -1.60 -1.50
N THR A 55 -25.40 -0.41 -1.68
CA THR A 55 -26.02 0.56 -2.58
C THR A 55 -26.18 -0.03 -3.99
N GLN A 56 -25.18 -0.76 -4.44
CA GLN A 56 -25.19 -1.39 -5.76
C GLN A 56 -24.96 -0.35 -6.86
N ILE A 57 -24.45 0.80 -6.45
CA ILE A 57 -24.15 1.87 -7.36
C ILE A 57 -23.17 1.37 -8.37
N LEU A 58 -22.09 0.73 -7.88
CA LEU A 58 -20.99 0.17 -8.70
C LEU A 58 -21.03 -1.36 -8.76
N THR A 59 -21.10 -2.02 -7.60
CA THR A 59 -21.15 -3.49 -7.55
C THR A 59 -21.96 -3.96 -6.39
N PRO A 60 -22.75 -5.02 -6.60
CA PRO A 60 -23.54 -5.48 -5.46
C PRO A 60 -22.59 -6.22 -4.55
N ARG A 61 -22.83 -6.06 -3.26
CA ARG A 61 -22.07 -6.69 -2.21
C ARG A 61 -22.25 -8.23 -2.30
N LEU A 62 -21.22 -8.96 -1.92
CA LEU A 62 -21.25 -10.44 -1.93
C LEU A 62 -22.19 -10.99 -0.81
N LYS A 63 -23.25 -11.68 -1.24
CA LYS A 63 -24.28 -12.25 -0.37
C LYS A 63 -24.18 -13.76 -0.16
N THR A 64 -23.82 -14.53 -1.19
CA THR A 64 -23.73 -15.98 -0.99
C THR A 64 -22.44 -16.53 -1.50
N PRO A 65 -21.99 -17.68 -0.95
CA PRO A 65 -20.74 -18.27 -1.42
C PRO A 65 -21.10 -18.77 -2.81
N MET A 66 -20.13 -18.88 -3.71
CA MET A 66 -20.42 -19.35 -5.05
C MET A 66 -19.33 -20.27 -5.56
N ILE A 67 -19.66 -21.11 -6.54
CA ILE A 67 -18.72 -22.03 -7.13
C ILE A 67 -18.96 -22.07 -8.63
N ARG A 68 -17.87 -22.13 -9.41
CA ARG A 68 -17.99 -22.21 -10.85
C ARG A 68 -17.44 -23.60 -11.20
N ARG A 69 -18.33 -24.59 -11.30
CA ARG A 69 -17.93 -25.97 -11.60
C ARG A 69 -17.38 -26.26 -12.99
N GLN A 70 -17.68 -25.39 -13.94
CA GLN A 70 -17.18 -25.56 -15.31
C GLN A 70 -16.44 -24.30 -15.70
N ARG A 71 -15.22 -24.42 -16.21
CA ARG A 71 -14.48 -23.26 -16.62
C ARG A 71 -15.24 -22.46 -17.69
N GLY A 72 -16.10 -23.16 -18.44
CA GLY A 72 -16.89 -22.52 -19.47
C GLY A 72 -17.72 -21.36 -18.92
N GLY A 73 -17.86 -21.32 -17.60
CA GLY A 73 -18.60 -20.24 -16.98
C GLY A 73 -19.74 -20.66 -16.09
N LYS A 74 -20.38 -19.63 -15.50
CA LYS A 74 -21.51 -19.73 -14.60
C LYS A 74 -21.13 -19.92 -13.12
N LEU A 75 -21.10 -18.79 -12.42
CA LEU A 75 -20.78 -18.75 -11.01
C LEU A 75 -22.11 -18.81 -10.24
N GLU A 76 -22.56 -20.02 -9.91
CA GLU A 76 -23.83 -20.26 -9.18
C GLU A 76 -23.66 -20.32 -7.68
N PRO A 77 -24.60 -19.74 -6.94
CA PRO A 77 -24.58 -19.73 -5.47
C PRO A 77 -24.52 -21.13 -4.91
N VAL A 78 -23.92 -21.26 -3.74
CA VAL A 78 -23.74 -22.53 -3.11
C VAL A 78 -23.63 -22.24 -1.62
N SER A 79 -24.02 -23.21 -0.79
CA SER A 79 -23.99 -23.06 0.65
C SER A 79 -22.59 -23.05 1.22
N TRP A 80 -22.49 -22.71 2.50
CA TRP A 80 -21.19 -22.70 3.13
C TRP A 80 -20.56 -24.07 3.16
N ASP A 81 -21.31 -25.07 3.59
CA ASP A 81 -20.76 -26.43 3.64
C ASP A 81 -20.15 -26.78 2.30
N GLU A 82 -20.93 -26.62 1.23
CA GLU A 82 -20.45 -26.97 -0.10
C GLU A 82 -19.23 -26.20 -0.54
N ALA A 83 -19.19 -24.92 -0.21
CA ALA A 83 -18.06 -24.10 -0.60
C ALA A 83 -16.87 -24.50 0.25
N LEU A 84 -17.06 -24.50 1.56
CA LEU A 84 -16.00 -24.81 2.49
C LEU A 84 -15.36 -26.20 2.36
N ASN A 85 -16.14 -27.19 1.94
CA ASN A 85 -15.62 -28.55 1.74
C ASN A 85 -14.89 -28.58 0.39
N TYR A 86 -15.40 -27.80 -0.55
CA TYR A 86 -14.83 -27.74 -1.89
C TYR A 86 -13.42 -27.19 -1.82
N VAL A 87 -13.26 -26.08 -1.11
CA VAL A 87 -11.95 -25.48 -0.90
C VAL A 87 -11.08 -26.47 -0.11
N ALA A 88 -11.53 -26.89 1.06
CA ALA A 88 -10.76 -27.81 1.89
C ALA A 88 -10.29 -29.06 1.15
N GLU A 89 -11.17 -29.60 0.32
CA GLU A 89 -10.94 -30.78 -0.51
C GLU A 89 -9.86 -30.44 -1.57
N ARG A 90 -10.15 -29.43 -2.37
CA ARG A 90 -9.28 -28.98 -3.45
C ARG A 90 -7.88 -28.66 -3.00
N LEU A 91 -7.75 -27.83 -1.96
CA LEU A 91 -6.45 -27.45 -1.42
C LEU A 91 -5.73 -28.68 -0.90
N SER A 92 -6.41 -29.52 -0.11
CA SER A 92 -5.78 -30.73 0.42
C SER A 92 -5.28 -31.60 -0.71
N ALA A 93 -6.13 -31.79 -1.71
CA ALA A 93 -5.84 -32.59 -2.88
C ALA A 93 -4.60 -32.04 -3.57
N ILE A 94 -4.61 -30.75 -3.92
CA ILE A 94 -3.48 -30.13 -4.58
C ILE A 94 -2.23 -30.15 -3.69
N LYS A 95 -2.41 -30.06 -2.39
CA LYS A 95 -1.26 -30.06 -1.50
C LYS A 95 -0.56 -31.41 -1.51
N GLU A 96 -1.33 -32.47 -1.60
CA GLU A 96 -0.75 -33.80 -1.57
C GLU A 96 -0.05 -34.07 -2.89
N LYS A 97 -0.77 -33.88 -3.98
CA LYS A 97 -0.24 -34.15 -5.29
C LYS A 97 0.96 -33.31 -5.67
N TYR A 98 1.03 -32.06 -5.22
CA TYR A 98 2.16 -31.22 -5.61
C TYR A 98 2.97 -30.53 -4.49
N GLY A 99 2.64 -30.80 -3.25
CA GLY A 99 3.36 -30.17 -2.15
C GLY A 99 2.69 -28.89 -1.74
N PRO A 100 2.86 -28.46 -0.47
CA PRO A 100 2.26 -27.24 0.04
C PRO A 100 2.53 -25.95 -0.74
N ASP A 101 3.72 -25.80 -1.31
CA ASP A 101 4.07 -24.60 -2.09
C ASP A 101 3.30 -24.41 -3.39
N ALA A 102 2.47 -25.38 -3.77
CA ALA A 102 1.70 -25.22 -4.99
C ALA A 102 0.52 -24.29 -4.74
N ILE A 103 0.34 -23.86 -3.49
CA ILE A 103 -0.76 -22.98 -3.08
C ILE A 103 -0.21 -21.63 -2.67
N GLN A 104 -0.87 -20.54 -3.07
CA GLN A 104 -0.42 -19.20 -2.73
C GLN A 104 -1.58 -18.52 -2.03
N THR A 105 -1.32 -17.83 -0.91
CA THR A 105 -2.35 -17.14 -0.16
C THR A 105 -1.95 -15.67 -0.03
N THR A 106 -2.91 -14.78 0.23
CA THR A 106 -2.58 -13.38 0.40
C THR A 106 -3.31 -12.90 1.64
N GLY A 107 -2.77 -11.90 2.32
CA GLY A 107 -3.44 -11.34 3.47
C GLY A 107 -4.23 -10.18 2.88
N SER A 108 -4.69 -9.24 3.72
CA SER A 108 -5.43 -8.10 3.23
C SER A 108 -5.20 -6.89 4.14
N SER A 109 -4.82 -5.79 3.53
CA SER A 109 -4.54 -4.58 4.25
C SER A 109 -5.74 -3.67 4.47
N ARG A 110 -6.95 -4.12 4.11
CA ARG A 110 -8.15 -3.30 4.30
C ARG A 110 -8.96 -3.61 5.53
N GLY A 111 -10.27 -3.44 5.46
CA GLY A 111 -11.12 -3.67 6.62
C GLY A 111 -11.04 -4.89 7.53
N THR A 112 -10.28 -5.94 7.23
CA THR A 112 -10.25 -7.12 8.11
C THR A 112 -9.65 -6.95 9.50
N GLY A 113 -8.51 -6.29 9.59
CA GLY A 113 -7.90 -6.13 10.87
C GLY A 113 -6.64 -6.96 10.89
N ASN A 114 -5.87 -6.77 11.95
CA ASN A 114 -4.63 -7.48 12.15
C ASN A 114 -4.87 -8.91 12.52
N GLU A 115 -5.94 -9.16 13.25
CA GLU A 115 -6.30 -10.51 13.70
C GLU A 115 -6.38 -11.54 12.57
N THR A 116 -7.03 -11.16 11.48
CA THR A 116 -7.20 -12.11 10.40
C THR A 116 -5.98 -12.26 9.53
N ASN A 117 -5.14 -11.24 9.46
CA ASN A 117 -3.92 -11.39 8.66
C ASN A 117 -3.05 -12.45 9.40
N TYR A 118 -3.08 -12.36 10.73
CA TYR A 118 -2.37 -13.30 11.58
C TYR A 118 -2.93 -14.68 11.29
N VAL A 119 -4.25 -14.83 11.38
CA VAL A 119 -4.86 -16.13 11.10
C VAL A 119 -4.48 -16.66 9.70
N MET A 120 -4.44 -15.78 8.69
CA MET A 120 -4.11 -16.24 7.34
C MET A 120 -2.71 -16.82 7.23
N GLN A 121 -1.71 -16.13 7.77
CA GLN A 121 -0.36 -16.66 7.69
C GLN A 121 -0.33 -17.97 8.46
N LYS A 122 -0.98 -17.99 9.61
CA LYS A 122 -1.04 -19.20 10.43
C LYS A 122 -1.57 -20.42 9.66
N PHE A 123 -2.58 -20.21 8.84
CA PHE A 123 -3.16 -21.32 8.11
C PHE A 123 -2.24 -21.78 6.97
N ALA A 124 -1.54 -20.84 6.36
CA ALA A 124 -0.67 -21.21 5.27
C ALA A 124 0.50 -22.04 5.80
N ARG A 125 1.05 -21.59 6.92
CA ARG A 125 2.21 -22.23 7.54
C ARG A 125 1.98 -23.49 8.37
N ALA A 126 0.92 -23.49 9.16
CA ALA A 126 0.59 -24.62 10.01
C ALA A 126 -0.32 -25.61 9.34
N VAL A 127 -1.27 -25.12 8.54
CA VAL A 127 -2.19 -26.04 7.91
C VAL A 127 -1.67 -26.51 6.56
N ILE A 128 -1.39 -25.57 5.66
CA ILE A 128 -0.86 -25.93 4.35
C ILE A 128 0.62 -26.35 4.43
N GLY A 129 1.39 -25.60 5.23
CA GLY A 129 2.82 -25.87 5.40
C GLY A 129 3.65 -25.12 4.37
N THR A 130 3.21 -23.91 4.03
CA THR A 130 3.88 -23.08 3.02
C THR A 130 4.14 -21.72 3.63
N ASN A 131 5.10 -21.01 3.07
CA ASN A 131 5.41 -19.65 3.53
C ASN A 131 4.84 -18.70 2.47
N ASN A 132 4.13 -19.27 1.49
CA ASN A 132 3.46 -18.50 0.41
C ASN A 132 2.34 -17.58 0.96
N VAL A 133 2.71 -16.53 1.70
CA VAL A 133 1.74 -15.59 2.26
C VAL A 133 2.32 -14.22 2.02
N ASP A 134 1.60 -13.38 1.30
CA ASP A 134 2.10 -12.06 0.99
C ASP A 134 0.93 -11.10 0.96
N CYS A 135 1.23 -9.80 0.94
CA CYS A 135 0.20 -8.78 0.89
C CYS A 135 0.73 -7.64 0.04
N CYS A 136 -0.10 -6.60 -0.17
CA CYS A 136 0.23 -5.46 -1.01
C CYS A 136 1.47 -4.63 -0.70
N ALA A 137 2.18 -5.00 0.36
CA ALA A 137 3.41 -4.34 0.71
C ALA A 137 4.24 -4.53 -0.56
N ARG A 138 4.05 -5.69 -1.18
CA ARG A 138 4.69 -6.11 -2.41
C ARG A 138 4.66 -5.07 -3.51
N VAL A 139 3.50 -4.45 -3.65
CA VAL A 139 3.26 -3.46 -4.68
C VAL A 139 3.32 -2.00 -4.18
N SEC A 140 3.43 -1.83 -2.87
CA SEC A 140 3.46 -0.52 -2.26
C SEC A 140 4.86 -0.14 -1.74
N HIS A 141 5.09 -0.39 -0.45
CA HIS A 141 6.34 -0.08 0.16
C HIS A 141 7.23 -1.28 0.44
N GLY A 142 7.11 -2.30 -0.39
CA GLY A 142 7.97 -3.46 -0.24
C GLY A 142 9.42 -2.98 -0.34
N PRO A 143 9.71 -2.13 -1.35
CA PRO A 143 11.06 -1.61 -1.51
C PRO A 143 11.52 -0.89 -0.25
N SER A 144 10.62 -0.09 0.34
CA SER A 144 10.91 0.69 1.56
C SER A 144 11.43 -0.19 2.67
N VAL A 145 10.75 -1.31 2.91
CA VAL A 145 11.15 -2.23 3.97
C VAL A 145 12.53 -2.80 3.70
N ALA A 146 12.81 -3.21 2.47
CA ALA A 146 14.10 -3.78 2.15
C ALA A 146 15.20 -2.75 2.36
N GLY A 147 15.21 -1.72 1.53
CA GLY A 147 16.21 -0.67 1.64
C GLY A 147 16.44 -0.25 3.06
N LEU A 148 15.36 0.04 3.77
CA LEU A 148 15.42 0.45 5.17
C LEU A 148 15.88 -0.68 6.06
N HIS A 149 15.49 -1.90 5.77
CA HIS A 149 15.89 -2.99 6.63
C HIS A 149 17.39 -3.11 6.70
N GLN A 150 18.03 -2.97 5.54
CA GLN A 150 19.48 -3.04 5.42
C GLN A 150 20.15 -1.81 5.98
N SER A 151 19.67 -0.63 5.61
CA SER A 151 20.27 0.64 6.04
C SER A 151 20.24 0.91 7.51
N VAL A 152 19.06 0.73 8.07
CA VAL A 152 18.84 1.10 9.43
C VAL A 152 18.25 0.01 10.31
N GLY A 153 17.99 -1.17 9.75
CA GLY A 153 17.47 -2.25 10.56
C GLY A 153 15.96 -2.37 10.77
N ASN A 154 15.19 -1.40 10.30
CA ASN A 154 13.75 -1.50 10.46
C ASN A 154 13.04 -0.76 9.35
N GLY A 155 12.02 -1.38 8.78
CA GLY A 155 11.31 -0.76 7.67
C GLY A 155 10.15 0.18 7.94
N ALA A 156 9.76 0.37 9.21
CA ALA A 156 8.65 1.27 9.55
C ALA A 156 9.08 2.72 9.57
N MET A 157 8.11 3.61 9.71
CA MET A 157 8.41 5.05 9.81
C MET A 157 9.33 5.11 11.02
N SER A 158 10.46 5.77 10.90
CA SER A 158 11.36 5.83 12.03
C SER A 158 10.75 6.61 13.15
N ASN A 159 10.05 7.67 12.80
CA ASN A 159 9.41 8.54 13.75
C ASN A 159 7.89 8.54 13.56
N ALA A 160 7.18 9.16 14.50
CA ALA A 160 5.72 9.18 14.46
C ALA A 160 5.05 10.27 13.64
N ILE A 161 3.80 10.00 13.24
CA ILE A 161 2.93 10.93 12.50
C ILE A 161 2.79 12.18 13.35
N ASN A 162 2.61 11.99 14.66
CA ASN A 162 2.46 13.11 15.56
C ASN A 162 3.76 13.81 15.92
N GLU A 163 4.86 13.39 15.32
CA GLU A 163 6.16 14.03 15.60
C GLU A 163 6.49 15.10 14.55
N ILE A 164 5.81 15.00 13.41
CA ILE A 164 6.04 15.92 12.30
C ILE A 164 5.88 17.39 12.68
N ASP A 165 4.89 17.65 13.50
CA ASP A 165 4.54 18.99 13.94
C ASP A 165 5.67 19.76 14.63
N ASN A 166 6.83 19.14 14.80
CA ASN A 166 7.93 19.83 15.45
C ASN A 166 9.31 19.69 14.80
N THR A 167 9.33 19.26 13.54
CA THR A 167 10.57 19.17 12.80
C THR A 167 10.93 20.58 12.41
N ASP A 168 12.15 20.78 11.98
CA ASP A 168 12.55 22.10 11.54
C ASP A 168 12.48 22.16 10.02
N LEU A 169 12.26 21.01 9.42
CA LEU A 169 12.17 20.94 7.99
C LEU A 169 11.52 19.61 7.61
N VAL A 170 10.52 19.71 6.74
CA VAL A 170 9.78 18.55 6.29
C VAL A 170 10.18 18.27 4.86
N PHE A 171 11.13 17.37 4.67
CA PHE A 171 11.59 17.02 3.34
C PHE A 171 10.59 16.03 2.68
N VAL A 172 9.64 16.54 1.90
CA VAL A 172 8.66 15.69 1.22
C VAL A 172 9.29 15.25 -0.10
N PHE A 173 9.37 13.95 -0.34
CA PHE A 173 10.01 13.44 -1.56
C PHE A 173 9.16 12.39 -2.28
N GLY A 174 8.74 12.70 -3.50
CA GLY A 174 7.94 11.77 -4.29
C GLY A 174 6.84 11.24 -3.42
N TYR A 175 5.93 12.12 -3.04
CA TYR A 175 4.85 11.77 -2.13
C TYR A 175 3.94 12.98 -2.01
N ASN A 176 2.62 12.75 -2.13
CA ASN A 176 1.63 13.82 -2.05
C ASN A 176 0.74 13.65 -0.82
N PRO A 177 1.23 14.09 0.37
CA PRO A 177 0.41 13.92 1.59
C PRO A 177 -0.95 14.60 1.49
N ALA A 178 -1.03 15.66 0.70
CA ALA A 178 -2.26 16.42 0.53
C ALA A 178 -3.44 15.63 -0.02
N ASP A 179 -3.16 14.57 -0.79
CA ASP A 179 -4.25 13.80 -1.38
C ASP A 179 -4.30 12.35 -0.92
N SER A 180 -3.15 11.91 -0.41
CA SER A 180 -2.94 10.55 0.04
C SER A 180 -3.22 10.34 1.51
N HIS A 181 -2.80 11.28 2.34
CA HIS A 181 -3.02 11.18 3.77
C HIS A 181 -3.29 12.61 4.23
N PRO A 182 -4.52 13.10 4.08
CA PRO A 182 -4.94 14.44 4.47
C PRO A 182 -4.64 14.84 5.90
N ILE A 183 -4.73 13.89 6.83
CA ILE A 183 -4.43 14.13 8.24
C ILE A 183 -2.92 14.20 8.44
N VAL A 184 -2.19 13.53 7.56
CA VAL A 184 -0.72 13.59 7.60
C VAL A 184 -0.35 14.93 6.95
N ALA A 185 -1.17 15.37 5.99
CA ALA A 185 -0.93 16.65 5.37
C ALA A 185 -1.11 17.67 6.47
N ASN A 186 -2.22 17.58 7.18
CA ASN A 186 -2.49 18.52 8.26
C ASN A 186 -1.44 18.52 9.36
N HIS A 187 -0.59 17.50 9.40
CA HIS A 187 0.46 17.51 10.42
C HIS A 187 1.66 18.25 9.83
N VAL A 188 1.81 18.15 8.50
CA VAL A 188 2.86 18.83 7.73
C VAL A 188 2.64 20.31 7.82
N ILE A 189 1.41 20.73 7.49
CA ILE A 189 1.01 22.14 7.52
C ILE A 189 1.27 22.75 8.92
N ASN A 190 1.02 21.94 9.95
CA ASN A 190 1.22 22.31 11.34
C ASN A 190 2.65 22.69 11.55
N ALA A 191 3.57 21.83 11.12
CA ALA A 191 5.03 22.07 11.22
C ALA A 191 5.34 23.41 10.57
N LYS A 192 4.86 23.61 9.34
CA LYS A 192 5.07 24.88 8.65
C LYS A 192 4.58 26.05 9.52
N ARG A 193 3.38 25.89 10.06
CA ARG A 193 2.74 26.89 10.94
C ARG A 193 3.69 27.19 12.09
N ASN A 194 4.28 26.14 12.64
CA ASN A 194 5.22 26.26 13.74
C ASN A 194 6.61 26.69 13.27
N GLY A 195 6.70 27.15 12.02
CA GLY A 195 7.96 27.64 11.50
C GLY A 195 8.92 26.68 10.84
N ALA A 196 8.48 25.46 10.58
CA ALA A 196 9.38 24.51 9.94
C ALA A 196 9.45 24.93 8.49
N LYS A 197 10.52 24.53 7.81
CA LYS A 197 10.65 24.80 6.38
C LYS A 197 10.01 23.58 5.67
N ILE A 198 9.80 23.68 4.37
CA ILE A 198 9.19 22.59 3.62
C ILE A 198 9.79 22.54 2.24
N ILE A 199 10.18 21.34 1.83
CA ILE A 199 10.78 21.10 0.52
C ILE A 199 10.01 19.93 -0.11
N VAL A 200 9.57 20.14 -1.34
CA VAL A 200 8.83 19.12 -2.05
C VAL A 200 9.58 18.76 -3.33
N CYS A 201 9.91 17.48 -3.49
CA CYS A 201 10.64 17.02 -4.66
C CYS A 201 9.73 16.13 -5.46
N ASP A 202 9.12 16.71 -6.49
CA ASP A 202 8.17 16.00 -7.33
C ASP A 202 8.11 16.71 -8.66
N PRO A 203 8.04 15.96 -9.75
CA PRO A 203 7.95 16.58 -11.07
C PRO A 203 6.72 17.54 -11.12
N ARG A 204 5.54 17.03 -10.75
CA ARG A 204 4.28 17.80 -10.74
C ARG A 204 4.24 18.88 -9.65
N LYS A 205 3.35 19.85 -9.87
CA LYS A 205 3.11 20.94 -8.94
C LYS A 205 1.91 20.49 -8.12
N ILE A 206 2.14 19.53 -7.22
CA ILE A 206 1.10 18.97 -6.37
C ILE A 206 0.68 20.01 -5.33
N GLU A 207 -0.49 19.83 -4.73
CA GLU A 207 -0.99 20.78 -3.72
C GLU A 207 0.07 21.18 -2.72
N THR A 208 0.75 20.18 -2.18
CA THR A 208 1.79 20.38 -1.18
C THR A 208 2.79 21.48 -1.55
N ALA A 209 3.20 21.48 -2.83
CA ALA A 209 4.17 22.44 -3.33
C ALA A 209 3.85 23.93 -3.09
N ARG A 210 2.58 24.26 -2.96
CA ARG A 210 2.22 25.67 -2.77
C ARG A 210 2.75 26.24 -1.47
N ILE A 211 2.74 25.42 -0.43
CA ILE A 211 3.22 25.84 0.88
C ILE A 211 4.72 25.58 1.06
N ALA A 212 5.33 25.01 0.02
CA ALA A 212 6.74 24.68 0.02
C ALA A 212 7.68 25.82 -0.27
N ASP A 213 8.68 25.97 0.59
CA ASP A 213 9.69 26.99 0.42
C ASP A 213 10.44 26.68 -0.88
N MET A 214 10.70 25.41 -1.12
CA MET A 214 11.39 25.01 -2.33
C MET A 214 10.68 23.86 -3.04
N HIS A 215 10.34 24.04 -4.31
CA HIS A 215 9.78 22.93 -5.07
C HIS A 215 10.90 22.52 -6.05
N ILE A 216 11.27 21.24 -6.01
CA ILE A 216 12.33 20.71 -6.86
C ILE A 216 11.73 19.75 -7.87
N ALA A 217 11.28 20.32 -8.97
CA ALA A 217 10.66 19.57 -10.05
C ALA A 217 11.62 18.68 -10.86
N LEU A 218 12.17 17.65 -10.21
CA LEU A 218 13.09 16.73 -10.88
C LEU A 218 12.40 15.94 -12.01
N LYS A 219 13.08 15.81 -13.14
CA LYS A 219 12.53 15.11 -14.27
C LYS A 219 12.20 13.72 -13.85
N ASN A 220 11.00 13.30 -14.22
CA ASN A 220 10.50 11.98 -13.94
C ASN A 220 11.61 10.94 -14.09
N GLY A 221 11.79 10.13 -13.05
CA GLY A 221 12.78 9.07 -13.06
C GLY A 221 14.23 9.42 -12.87
N SER A 222 14.53 10.60 -12.31
CA SER A 222 15.91 11.05 -12.09
C SER A 222 16.31 11.17 -10.62
N ASN A 223 15.60 10.47 -9.74
CA ASN A 223 15.78 10.54 -8.28
C ASN A 223 17.21 10.41 -7.77
N ILE A 224 17.91 9.35 -8.15
CA ILE A 224 19.27 9.13 -7.68
C ILE A 224 20.21 10.22 -8.18
N ALA A 225 19.93 10.76 -9.36
CA ALA A 225 20.75 11.81 -9.92
C ALA A 225 20.65 12.97 -8.96
N LEU A 226 19.43 13.36 -8.63
CA LEU A 226 19.25 14.48 -7.71
C LEU A 226 19.84 14.18 -6.34
N LEU A 227 19.60 12.96 -5.86
CA LEU A 227 20.07 12.58 -4.54
C LEU A 227 21.58 12.63 -4.33
N ASN A 228 22.33 11.94 -5.17
CA ASN A 228 23.77 11.93 -5.06
C ASN A 228 24.29 13.36 -5.08
N ALA A 229 23.67 14.20 -5.89
CA ALA A 229 24.09 15.60 -5.97
C ALA A 229 23.87 16.32 -4.62
N MET A 230 22.82 15.93 -3.90
CA MET A 230 22.57 16.58 -2.60
C MET A 230 23.62 16.09 -1.61
N GLY A 231 23.92 14.79 -1.70
CA GLY A 231 24.93 14.17 -0.86
C GLY A 231 26.28 14.78 -1.19
N HIS A 232 26.47 15.07 -2.47
CA HIS A 232 27.72 15.68 -2.96
C HIS A 232 27.93 17.00 -2.24
N VAL A 233 26.89 17.83 -2.23
CA VAL A 233 26.93 19.13 -1.57
C VAL A 233 27.15 19.02 -0.07
N ILE A 234 26.39 18.13 0.58
CA ILE A 234 26.51 17.96 2.03
C ILE A 234 27.93 17.65 2.47
N ILE A 235 28.63 16.82 1.70
CA ILE A 235 30.02 16.46 2.02
C ILE A 235 30.97 17.55 1.53
N GLU A 236 30.77 18.02 0.29
CA GLU A 236 31.60 19.07 -0.28
C GLU A 236 31.72 20.28 0.64
N GLU A 237 30.59 20.74 1.16
CA GLU A 237 30.56 21.89 2.06
C GLU A 237 30.72 21.57 3.55
N ASN A 238 31.08 20.32 3.87
CA ASN A 238 31.29 19.89 5.27
C ASN A 238 30.10 20.12 6.18
N LEU A 239 28.90 19.99 5.63
CA LEU A 239 27.67 20.21 6.39
C LEU A 239 27.16 18.97 7.09
N TYR A 240 27.80 17.84 6.83
CA TYR A 240 27.38 16.57 7.43
C TYR A 240 27.73 16.43 8.91
N ASP A 241 27.15 15.41 9.53
CA ASP A 241 27.35 15.14 10.94
C ASP A 241 28.50 14.17 11.16
N LYS A 242 29.70 14.71 11.30
CA LYS A 242 30.90 13.91 11.52
C LYS A 242 30.80 12.98 12.72
N ALA A 243 30.56 13.54 13.90
CA ALA A 243 30.43 12.72 15.10
C ALA A 243 29.40 11.61 14.89
N PHE A 244 28.19 11.97 14.49
CA PHE A 244 27.15 10.96 14.28
C PHE A 244 27.68 9.92 13.29
N VAL A 245 28.07 10.39 12.12
CA VAL A 245 28.62 9.54 11.08
C VAL A 245 29.65 8.57 11.63
N ALA A 246 30.61 9.09 12.37
CA ALA A 246 31.69 8.27 12.91
C ALA A 246 31.27 7.31 13.98
N SER A 247 30.33 7.73 14.82
CA SER A 247 29.89 6.91 15.94
C SER A 247 28.78 5.93 15.68
N ARG A 248 27.91 6.25 14.73
CA ARG A 248 26.76 5.41 14.48
C ARG A 248 26.56 4.92 13.06
N THR A 249 27.49 5.23 12.16
CA THR A 249 27.33 4.77 10.78
C THR A 249 28.46 3.87 10.30
N GLU A 250 28.23 3.19 9.16
CA GLU A 250 29.19 2.26 8.54
C GLU A 250 29.10 2.52 7.02
N GLY A 251 30.23 2.48 6.32
CA GLY A 251 30.18 2.70 4.88
C GLY A 251 30.19 4.12 4.32
N PHE A 252 30.63 5.09 5.12
CA PHE A 252 30.69 6.47 4.66
C PHE A 252 31.64 6.60 3.47
N GLU A 253 32.90 6.22 3.65
CA GLU A 253 33.90 6.32 2.59
C GLU A 253 33.42 5.88 1.22
N GLU A 254 32.93 4.65 1.13
CA GLU A 254 32.49 4.14 -0.16
C GLU A 254 31.36 4.98 -0.76
N TYR A 255 30.56 5.60 0.11
CA TYR A 255 29.46 6.46 -0.33
C TYR A 255 30.05 7.77 -0.82
N ARG A 256 31.04 8.27 -0.08
CA ARG A 256 31.73 9.51 -0.39
C ARG A 256 32.21 9.50 -1.85
N LYS A 257 32.79 8.37 -2.26
CA LYS A 257 33.29 8.21 -3.63
C LYS A 257 32.25 8.45 -4.71
N ILE A 258 31.10 7.76 -4.63
CA ILE A 258 30.07 7.90 -5.64
C ILE A 258 29.42 9.27 -5.72
N VAL A 259 29.46 10.03 -4.64
CA VAL A 259 28.86 11.35 -4.70
C VAL A 259 29.85 12.40 -5.21
N GLU A 260 31.14 12.14 -4.99
CA GLU A 260 32.18 13.08 -5.42
C GLU A 260 32.00 13.33 -6.91
N GLY A 261 31.61 12.28 -7.61
CA GLY A 261 31.38 12.37 -9.03
C GLY A 261 30.19 13.22 -9.29
N TYR A 262 29.05 12.85 -8.74
CA TYR A 262 27.80 13.57 -8.94
C TYR A 262 27.76 15.01 -8.41
N THR A 263 28.40 15.91 -9.11
CA THR A 263 28.42 17.32 -8.74
C THR A 263 27.08 17.92 -9.19
N PRO A 264 26.62 18.98 -8.52
CA PRO A 264 25.34 19.58 -8.92
C PRO A 264 25.25 19.79 -10.42
N GLU A 265 26.35 20.28 -10.99
CA GLU A 265 26.43 20.56 -12.40
C GLU A 265 26.28 19.35 -13.31
N SER A 266 26.93 18.24 -12.98
CA SER A 266 26.82 17.05 -13.81
C SER A 266 25.40 16.52 -13.84
N VAL A 267 24.56 17.03 -12.94
CA VAL A 267 23.18 16.57 -12.84
C VAL A 267 22.16 17.44 -13.59
N GLU A 268 22.42 18.75 -13.66
CA GLU A 268 21.57 19.74 -14.35
C GLU A 268 20.53 19.20 -15.36
N ASP A 269 21.01 18.56 -16.42
CA ASP A 269 20.13 18.05 -17.46
C ASP A 269 19.29 16.83 -17.11
N ILE A 270 19.88 15.85 -16.42
CA ILE A 270 19.11 14.65 -16.06
C ILE A 270 18.00 15.02 -15.08
N THR A 271 18.35 15.74 -14.03
CA THR A 271 17.32 16.14 -13.06
C THR A 271 16.42 17.21 -13.60
N GLY A 272 16.93 18.01 -14.52
CA GLY A 272 16.14 19.11 -15.02
C GLY A 272 16.10 20.17 -13.93
N VAL A 273 16.98 20.05 -12.94
CA VAL A 273 17.04 21.03 -11.85
C VAL A 273 18.41 21.70 -11.88
N SER A 274 18.48 22.97 -11.51
CA SER A 274 19.73 23.70 -11.56
C SER A 274 20.64 23.46 -10.37
N ALA A 275 21.92 23.35 -10.66
CA ALA A 275 22.95 23.12 -9.65
C ALA A 275 22.71 23.91 -8.38
N SER A 276 22.20 25.14 -8.54
CA SER A 276 21.92 26.02 -7.40
C SER A 276 20.87 25.44 -6.48
N GLU A 277 19.69 25.17 -7.02
CA GLU A 277 18.60 24.60 -6.22
C GLU A 277 19.16 23.39 -5.45
N ILE A 278 19.83 22.49 -6.18
CA ILE A 278 20.41 21.28 -5.59
C ILE A 278 21.27 21.64 -4.39
N ARG A 279 22.06 22.70 -4.53
CA ARG A 279 22.94 23.23 -3.47
C ARG A 279 22.14 23.81 -2.30
N GLN A 280 21.21 24.69 -2.63
CA GLN A 280 20.37 25.33 -1.63
C GLN A 280 19.47 24.34 -0.90
N ALA A 281 19.11 23.24 -1.56
CA ALA A 281 18.24 22.22 -0.96
C ALA A 281 19.02 21.35 0.01
N ALA A 282 20.18 20.88 -0.45
CA ALA A 282 21.03 20.03 0.37
C ALA A 282 21.47 20.88 1.55
N ARG A 283 21.88 22.11 1.24
CA ARG A 283 22.30 23.07 2.25
C ARG A 283 21.17 23.28 3.26
N MET A 284 19.97 23.45 2.76
CA MET A 284 18.82 23.67 3.61
C MET A 284 18.59 22.46 4.52
N TYR A 285 18.38 21.29 3.91
CA TYR A 285 18.13 20.05 4.66
C TYR A 285 19.13 19.80 5.77
N ALA A 286 20.42 19.86 5.42
CA ALA A 286 21.51 19.65 6.36
C ALA A 286 21.58 20.71 7.44
N GLN A 287 20.99 21.88 7.19
CA GLN A 287 21.04 22.94 8.17
C GLN A 287 19.96 22.88 9.25
N ALA A 288 18.83 22.24 8.97
CA ALA A 288 17.75 22.13 9.95
C ALA A 288 18.23 21.42 11.20
N LYS A 289 17.92 21.93 12.39
CA LYS A 289 18.35 21.27 13.62
C LYS A 289 17.80 19.85 13.60
N SER A 290 16.59 19.70 13.09
CA SER A 290 15.94 18.41 12.95
C SER A 290 15.20 18.50 11.64
N ALA A 291 15.38 17.51 10.77
CA ALA A 291 14.73 17.47 9.46
C ALA A 291 14.19 16.09 9.24
N ALA A 292 12.95 15.97 8.77
CA ALA A 292 12.38 14.64 8.57
C ALA A 292 12.04 14.37 7.12
N ILE A 293 12.35 13.16 6.67
CA ILE A 293 12.08 12.77 5.30
C ILE A 293 10.74 12.01 5.18
N LEU A 294 9.77 12.58 4.48
CA LEU A 294 8.50 11.88 4.27
C LEU A 294 8.52 11.52 2.80
N TRP A 295 8.39 10.23 2.50
CA TRP A 295 8.41 9.78 1.10
C TRP A 295 7.35 8.74 0.80
N GLY A 296 7.12 8.46 -0.48
CA GLY A 296 6.10 7.48 -0.84
C GLY A 296 6.34 6.67 -2.11
N MET A 297 5.37 6.71 -3.01
CA MET A 297 5.45 5.96 -4.26
C MET A 297 6.27 6.59 -5.40
N GLY A 298 6.64 7.86 -5.25
CA GLY A 298 7.44 8.50 -6.26
C GLY A 298 8.84 7.94 -6.15
N VAL A 299 9.03 7.14 -5.10
CA VAL A 299 10.30 6.49 -4.83
C VAL A 299 10.21 4.99 -5.12
N THR A 300 9.36 4.32 -4.35
CA THR A 300 9.24 2.90 -4.44
C THR A 300 8.81 2.27 -5.76
N GLN A 301 7.84 2.86 -6.43
CA GLN A 301 7.34 2.30 -7.68
C GLN A 301 8.16 2.53 -8.95
N PHE A 302 9.47 2.46 -8.76
CA PHE A 302 10.48 2.60 -9.78
C PHE A 302 11.43 1.45 -9.47
N TYR A 303 11.80 0.64 -10.47
CA TYR A 303 12.69 -0.51 -10.23
C TYR A 303 14.02 -0.17 -9.53
N GLN A 304 14.47 1.07 -9.66
CA GLN A 304 15.70 1.52 -8.99
C GLN A 304 15.30 2.09 -7.60
N GLY A 305 14.14 1.67 -7.11
CA GLY A 305 13.60 2.15 -5.85
C GLY A 305 14.16 1.73 -4.49
N VAL A 306 14.75 0.54 -4.37
CA VAL A 306 15.31 0.15 -3.09
C VAL A 306 16.55 1.01 -2.94
N GLU A 307 17.17 1.34 -4.08
CA GLU A 307 18.37 2.17 -4.10
C GLU A 307 18.04 3.58 -3.70
N THR A 308 16.88 4.08 -4.15
CA THR A 308 16.47 5.45 -3.83
C THR A 308 16.16 5.62 -2.34
N VAL A 309 15.51 4.62 -1.76
CA VAL A 309 15.15 4.59 -0.36
C VAL A 309 16.47 4.57 0.45
N ARG A 310 17.35 3.66 0.05
CA ARG A 310 18.65 3.50 0.68
C ARG A 310 19.43 4.80 0.57
N SER A 311 19.32 5.46 -0.57
CA SER A 311 20.00 6.70 -0.86
C SER A 311 19.49 7.84 0.06
N LEU A 312 18.16 7.94 0.21
CA LEU A 312 17.51 8.94 1.05
C LEU A 312 17.92 8.75 2.51
N THR A 313 17.77 7.53 2.99
CA THR A 313 18.17 7.18 4.34
C THR A 313 19.64 7.63 4.54
N SER A 314 20.47 7.52 3.49
CA SER A 314 21.85 7.96 3.61
C SER A 314 21.92 9.41 3.99
N LEU A 315 21.16 10.28 3.30
CA LEU A 315 21.18 11.71 3.63
C LEU A 315 20.87 11.93 5.12
N ALA A 316 19.78 11.33 5.59
CA ALA A 316 19.42 11.40 6.99
C ALA A 316 20.57 10.90 7.88
N MET A 317 21.22 9.81 7.49
CA MET A 317 22.34 9.28 8.26
C MET A 317 23.39 10.36 8.37
N LEU A 318 23.80 10.82 7.20
CA LEU A 318 24.82 11.85 7.04
C LEU A 318 24.54 13.12 7.85
N THR A 319 23.29 13.38 8.13
CA THR A 319 22.91 14.59 8.85
C THR A 319 22.51 14.37 10.31
N GLY A 320 22.63 13.13 10.78
CA GLY A 320 22.25 12.82 12.13
C GLY A 320 20.75 12.91 12.38
N ASN A 321 19.94 12.87 11.32
CA ASN A 321 18.48 12.97 11.50
C ASN A 321 17.82 11.62 11.77
N LEU A 322 18.33 10.93 12.78
CA LEU A 322 17.81 9.63 13.16
C LEU A 322 18.18 9.43 14.62
N GLY A 323 17.31 8.75 15.35
CA GLY A 323 17.56 8.50 16.76
C GLY A 323 17.01 9.58 17.65
N LYS A 324 16.34 10.55 17.04
CA LYS A 324 15.78 11.67 17.78
C LYS A 324 14.39 12.01 17.28
N PRO A 325 13.56 12.63 18.14
CA PRO A 325 12.18 13.03 17.78
C PRO A 325 12.13 14.09 16.67
N HIS A 326 11.01 14.15 15.97
CA HIS A 326 10.85 15.13 14.89
C HIS A 326 11.95 15.10 13.85
N ALA A 327 12.33 13.89 13.44
CA ALA A 327 13.36 13.73 12.43
C ALA A 327 13.10 12.36 11.80
N GLY A 328 14.16 11.64 11.47
CA GLY A 328 13.96 10.31 10.93
C GLY A 328 13.67 10.19 9.47
N VAL A 329 13.35 8.96 9.10
CA VAL A 329 13.05 8.52 7.76
C VAL A 329 11.60 7.95 7.81
N ASN A 330 10.71 8.55 7.03
CA ASN A 330 9.32 8.16 7.07
C ASN A 330 8.57 7.70 5.83
N PRO A 331 8.61 6.40 5.55
CA PRO A 331 7.88 5.93 4.39
C PRO A 331 6.45 5.83 4.88
N VAL A 332 5.62 6.79 4.49
CA VAL A 332 4.23 6.81 4.94
C VAL A 332 3.53 5.70 4.18
N ARG A 333 3.30 4.57 4.87
CA ARG A 333 2.66 3.40 4.26
C ARG A 333 1.30 3.86 3.76
N GLY A 334 0.80 3.24 2.71
CA GLY A 334 -0.46 3.66 2.14
C GLY A 334 -1.82 3.25 2.69
N GLN A 335 -2.14 1.98 2.57
CA GLN A 335 -3.44 1.49 2.99
C GLN A 335 -3.65 1.42 4.48
N ASN A 336 -4.90 1.66 4.89
CA ASN A 336 -5.30 1.66 6.30
C ASN A 336 -4.59 0.64 7.15
N ASN A 337 -4.51 -0.59 6.68
CA ASN A 337 -3.86 -1.61 7.47
C ASN A 337 -2.74 -2.39 6.81
N VAL A 338 -2.08 -1.83 5.80
CA VAL A 338 -0.98 -2.55 5.14
C VAL A 338 0.14 -2.73 6.11
N GLN A 339 0.31 -1.74 6.98
CA GLN A 339 1.35 -1.76 7.99
C GLN A 339 0.97 -2.97 8.86
N GLY A 340 -0.30 -3.05 9.23
CA GLY A 340 -0.77 -4.13 10.09
C GLY A 340 -0.50 -5.52 9.60
N ALA A 341 -0.99 -5.83 8.40
CA ALA A 341 -0.81 -7.13 7.76
C ALA A 341 0.67 -7.55 7.81
N CYS A 342 1.57 -6.60 7.59
CA CYS A 342 2.99 -6.89 7.67
C CYS A 342 3.32 -7.31 9.10
N ASP A 343 2.89 -6.51 10.08
CA ASP A 343 3.13 -6.83 11.49
C ASP A 343 2.63 -8.24 11.81
N MET A 344 1.60 -8.68 11.10
CA MET A 344 1.02 -10.00 11.33
C MET A 344 1.77 -11.13 10.65
N GLY A 345 2.57 -10.81 9.64
CA GLY A 345 3.34 -11.85 8.99
C GLY A 345 2.78 -12.28 7.66
N ALA A 346 2.01 -11.38 7.07
CA ALA A 346 1.42 -11.60 5.78
C ALA A 346 2.53 -11.23 4.75
N LEU A 347 3.73 -11.72 5.03
CA LEU A 347 4.91 -11.51 4.22
C LEU A 347 5.45 -12.91 4.06
N PRO A 348 5.97 -13.26 2.88
CA PRO A 348 6.48 -14.62 2.66
C PRO A 348 7.77 -15.00 3.31
N ASP A 349 8.26 -14.17 4.23
CA ASP A 349 9.51 -14.42 4.93
C ASP A 349 9.52 -14.11 6.43
N THR A 350 8.39 -13.65 6.98
CA THR A 350 8.38 -13.37 8.40
C THR A 350 7.08 -13.82 9.04
N TYR A 351 7.20 -14.15 10.32
CA TYR A 351 6.07 -14.53 11.15
C TYR A 351 5.64 -13.17 11.70
N PRO A 352 4.54 -13.10 12.46
CA PRO A 352 4.20 -11.77 12.96
C PRO A 352 5.30 -11.37 13.93
N GLY A 353 5.38 -10.08 14.25
CA GLY A 353 6.40 -9.60 15.16
C GLY A 353 7.74 -9.45 14.44
N TYR A 354 7.73 -9.64 13.13
CA TYR A 354 8.95 -9.52 12.34
C TYR A 354 10.02 -10.52 12.76
N GLN A 355 9.54 -11.72 13.08
CA GLN A 355 10.36 -12.85 13.49
C GLN A 355 10.41 -13.81 12.28
N TYR A 356 11.44 -13.62 11.47
CA TYR A 356 11.66 -14.38 10.22
C TYR A 356 11.70 -15.90 10.33
N VAL A 357 11.11 -16.57 9.34
CA VAL A 357 11.05 -18.04 9.29
C VAL A 357 12.44 -18.69 9.20
N LYS A 358 13.38 -17.97 8.59
CA LYS A 358 14.73 -18.49 8.43
C LYS A 358 15.36 -18.84 9.79
N ASP A 359 15.04 -18.05 10.81
CA ASP A 359 15.58 -18.25 12.15
C ASP A 359 15.00 -19.51 12.77
N PRO A 360 15.86 -20.50 13.09
CA PRO A 360 15.44 -21.76 13.70
C PRO A 360 14.69 -21.61 15.04
N ALA A 361 15.13 -20.68 15.88
CA ALA A 361 14.52 -20.44 17.19
C ALA A 361 13.07 -19.97 17.08
N ASN A 362 12.77 -19.18 16.04
CA ASN A 362 11.43 -18.67 15.80
C ASN A 362 10.54 -19.83 15.37
N ARG A 363 11.05 -20.62 14.43
CA ARG A 363 10.29 -21.78 13.96
C ARG A 363 9.99 -22.72 15.12
N GLU A 364 10.97 -22.95 16.01
CA GLU A 364 10.74 -23.84 17.14
C GLU A 364 9.60 -23.28 17.96
N LYS A 365 9.60 -21.98 18.17
CA LYS A 365 8.56 -21.33 18.94
C LYS A 365 7.20 -21.49 18.28
N PHE A 366 7.07 -20.97 17.07
CA PHE A 366 5.82 -21.06 16.36
C PHE A 366 5.31 -22.49 16.16
N ALA A 367 6.18 -23.42 15.79
CA ALA A 367 5.78 -24.82 15.56
C ALA A 367 5.20 -25.44 16.83
N LYS A 368 5.89 -25.21 17.95
CA LYS A 368 5.46 -25.73 19.23
C LYS A 368 4.08 -25.21 19.49
N ALA A 369 3.96 -23.89 19.48
CA ALA A 369 2.69 -23.21 19.73
C ALA A 369 1.57 -23.73 18.84
N TRP A 370 1.80 -23.79 17.54
CA TRP A 370 0.76 -24.27 16.63
C TRP A 370 0.60 -25.78 16.69
N GLY A 371 1.37 -26.40 17.57
CA GLY A 371 1.31 -27.84 17.74
C GLY A 371 1.64 -28.55 16.45
N VAL A 372 2.65 -28.05 15.76
CA VAL A 372 3.08 -28.62 14.49
C VAL A 372 4.57 -29.02 14.61
N GLU A 373 4.98 -30.04 13.85
CA GLU A 373 6.36 -30.55 13.92
C GLU A 373 7.40 -29.66 13.27
N SER A 374 7.10 -29.16 12.08
CA SER A 374 8.02 -28.28 11.36
C SER A 374 7.21 -27.21 10.66
N LEU A 375 7.73 -25.99 10.70
CA LEU A 375 7.12 -24.90 9.98
C LEU A 375 8.12 -24.69 8.84
N PRO A 376 7.65 -24.47 7.61
CA PRO A 376 8.58 -24.27 6.50
C PRO A 376 9.62 -23.21 6.83
N ALA A 377 10.84 -23.39 6.32
CA ALA A 377 11.94 -22.46 6.57
C ALA A 377 12.35 -21.63 5.36
N HIS A 378 11.96 -22.07 4.19
CA HIS A 378 12.30 -21.33 2.99
C HIS A 378 11.17 -20.32 2.69
N THR A 379 11.60 -19.14 2.24
CA THR A 379 10.73 -18.04 1.90
C THR A 379 9.69 -18.43 0.89
N GLY A 380 8.50 -17.92 1.07
CA GLY A 380 7.42 -18.26 0.17
C GLY A 380 7.46 -17.44 -1.08
N TYR A 381 6.45 -17.66 -1.92
CA TYR A 381 6.30 -16.95 -3.17
C TYR A 381 5.69 -15.60 -2.88
N ARG A 382 6.07 -14.61 -3.69
CA ARG A 382 5.54 -13.27 -3.52
C ARG A 382 4.34 -13.19 -4.47
N ILE A 383 3.23 -12.61 -4.02
CA ILE A 383 2.04 -12.52 -4.85
C ILE A 383 2.29 -11.83 -6.21
N SER A 384 3.31 -10.99 -6.31
CA SER A 384 3.60 -10.33 -7.60
C SER A 384 4.20 -11.29 -8.63
N GLU A 385 4.62 -12.47 -8.20
CA GLU A 385 5.18 -13.47 -9.09
C GLU A 385 4.12 -14.46 -9.51
N LEU A 386 2.89 -14.29 -9.00
CA LEU A 386 1.80 -15.25 -9.28
C LEU A 386 1.69 -15.64 -10.74
N PRO A 387 1.57 -14.66 -11.63
CA PRO A 387 1.44 -14.99 -13.05
C PRO A 387 2.60 -15.84 -13.58
N HIS A 388 3.79 -15.64 -13.02
CA HIS A 388 4.96 -16.38 -13.45
C HIS A 388 4.99 -17.80 -12.93
N ARG A 389 4.63 -17.97 -11.67
CA ARG A 389 4.60 -19.28 -11.01
C ARG A 389 3.46 -20.09 -11.60
N ALA A 390 2.34 -19.41 -11.78
CA ALA A 390 1.14 -19.99 -12.33
C ALA A 390 1.40 -20.52 -13.72
N ALA A 391 2.06 -19.72 -14.53
CA ALA A 391 2.35 -20.12 -15.91
C ALA A 391 3.27 -21.31 -15.92
N HIS A 392 4.22 -21.34 -15.00
CA HIS A 392 5.18 -22.40 -14.94
C HIS A 392 4.65 -23.66 -14.27
N GLY A 393 3.45 -23.59 -13.72
CA GLY A 393 2.89 -24.75 -13.03
C GLY A 393 3.59 -24.92 -11.71
N GLU A 394 4.16 -23.82 -11.23
CA GLU A 394 4.87 -23.81 -9.98
C GLU A 394 3.87 -23.59 -8.88
N VAL A 395 2.77 -22.93 -9.20
CA VAL A 395 1.68 -22.65 -8.27
C VAL A 395 0.41 -23.12 -9.00
N ARG A 396 -0.54 -23.70 -8.26
CA ARG A 396 -1.75 -24.26 -8.84
C ARG A 396 -3.11 -23.81 -8.32
N ALA A 397 -3.07 -22.98 -7.27
CA ALA A 397 -4.28 -22.48 -6.67
C ALA A 397 -3.90 -21.25 -5.89
N ALA A 398 -4.80 -20.28 -5.83
CA ALA A 398 -4.52 -19.07 -5.07
C ALA A 398 -5.71 -18.79 -4.18
N TYR A 399 -5.42 -18.46 -2.93
CA TYR A 399 -6.46 -18.15 -1.99
C TYR A 399 -6.35 -16.64 -1.85
N ILE A 400 -6.87 -15.91 -2.83
CA ILE A 400 -6.84 -14.45 -2.82
C ILE A 400 -7.89 -13.86 -1.90
N MET A 401 -7.45 -13.17 -0.86
CA MET A 401 -8.36 -12.57 0.08
C MET A 401 -8.22 -11.05 0.05
N GLY A 402 -9.35 -10.36 0.26
CA GLY A 402 -9.37 -8.91 0.30
C GLY A 402 -8.49 -8.15 -0.65
N GLU A 403 -8.53 -8.53 -1.92
CA GLU A 403 -7.72 -7.85 -2.94
C GLU A 403 -8.39 -7.84 -4.30
N ASP A 404 -8.00 -6.87 -5.13
CA ASP A 404 -8.55 -6.79 -6.48
C ASP A 404 -7.45 -6.73 -7.52
N PRO A 405 -6.64 -7.80 -7.63
CA PRO A 405 -5.55 -7.82 -8.61
C PRO A 405 -5.96 -7.48 -10.04
N LEU A 406 -7.06 -8.07 -10.51
CA LEU A 406 -7.54 -7.83 -11.88
C LEU A 406 -7.87 -6.39 -12.21
N GLN A 407 -7.59 -5.48 -11.30
CA GLN A 407 -7.85 -4.07 -11.55
C GLN A 407 -6.62 -3.31 -11.03
N THR A 408 -5.98 -3.80 -9.97
CA THR A 408 -4.82 -3.11 -9.41
C THR A 408 -3.41 -3.58 -9.82
N ASP A 409 -3.31 -4.84 -10.27
CA ASP A 409 -2.03 -5.37 -10.67
C ASP A 409 -1.54 -4.79 -11.98
N ALA A 410 -0.24 -4.55 -12.07
CA ALA A 410 0.38 -4.02 -13.29
C ALA A 410 0.23 -5.04 -14.39
N GLU A 411 -0.08 -4.58 -15.60
CA GLU A 411 -0.23 -5.49 -16.73
C GLU A 411 -1.41 -6.48 -16.57
N LEU A 412 -2.60 -5.94 -16.29
CA LEU A 412 -3.82 -6.71 -16.09
C LEU A 412 -4.06 -7.89 -17.06
N SER A 413 -3.51 -7.80 -18.27
CA SER A 413 -3.66 -8.89 -19.24
C SER A 413 -2.92 -10.11 -18.72
N ALA A 414 -1.79 -9.86 -18.05
CA ALA A 414 -0.98 -10.92 -17.47
C ALA A 414 -1.73 -11.63 -16.35
N VAL A 415 -2.36 -10.86 -15.47
CA VAL A 415 -3.10 -11.42 -14.35
C VAL A 415 -4.30 -12.23 -14.81
N ARG A 416 -4.89 -11.84 -15.93
CA ARG A 416 -6.03 -12.58 -16.44
C ARG A 416 -5.57 -14.00 -16.82
N LYS A 417 -4.55 -14.11 -17.67
CA LYS A 417 -4.04 -15.42 -18.07
C LYS A 417 -3.64 -16.18 -16.81
N ALA A 418 -3.10 -15.44 -15.83
CA ALA A 418 -2.67 -16.03 -14.57
C ALA A 418 -3.87 -16.74 -13.97
N PHE A 419 -4.97 -16.01 -13.88
CA PHE A 419 -6.23 -16.54 -13.35
C PHE A 419 -6.68 -17.73 -14.19
N GLU A 420 -6.27 -17.74 -15.46
CA GLU A 420 -6.60 -18.78 -16.43
C GLU A 420 -5.63 -19.94 -16.40
N ASP A 421 -4.44 -19.74 -15.82
CA ASP A 421 -3.46 -20.81 -15.73
C ASP A 421 -3.52 -21.58 -14.40
N LEU A 422 -4.27 -21.06 -13.43
CA LEU A 422 -4.40 -21.69 -12.11
C LEU A 422 -5.51 -22.72 -12.12
N GLU A 423 -5.35 -23.82 -11.38
CA GLU A 423 -6.36 -24.87 -11.33
C GLU A 423 -7.58 -24.31 -10.66
N LEU A 424 -7.34 -23.77 -9.46
CA LEU A 424 -8.37 -23.20 -8.60
C LEU A 424 -8.01 -21.80 -8.16
N VAL A 425 -8.98 -20.90 -8.15
CA VAL A 425 -8.77 -19.51 -7.73
C VAL A 425 -9.91 -19.15 -6.76
N ILE A 426 -9.55 -18.87 -5.51
CA ILE A 426 -10.52 -18.53 -4.47
C ILE A 426 -10.39 -17.08 -4.07
N VAL A 427 -11.50 -16.35 -4.12
CA VAL A 427 -11.50 -14.95 -3.76
C VAL A 427 -12.39 -14.77 -2.58
N GLN A 428 -11.84 -14.13 -1.56
CA GLN A 428 -12.60 -13.86 -0.36
C GLN A 428 -12.69 -12.34 -0.32
N ASP A 429 -13.88 -11.85 -0.61
CA ASP A 429 -14.11 -10.45 -0.65
C ASP A 429 -15.47 -10.10 -0.07
N ILE A 430 -15.78 -8.82 -0.16
CA ILE A 430 -16.97 -8.20 0.36
C ILE A 430 -17.76 -7.56 -0.82
N PHE A 431 -17.18 -7.55 -2.01
CA PHE A 431 -17.79 -6.97 -3.24
C PHE A 431 -17.52 -7.79 -4.51
N MET A 432 -18.45 -7.71 -5.45
CA MET A 432 -18.28 -8.45 -6.70
C MET A 432 -17.32 -7.69 -7.62
N THR A 433 -16.04 -7.73 -7.28
CA THR A 433 -15.00 -7.05 -8.04
C THR A 433 -14.73 -7.75 -9.37
N LYS A 434 -13.88 -7.13 -10.19
CA LYS A 434 -13.50 -7.77 -11.43
C LYS A 434 -12.78 -9.06 -11.03
N THR A 435 -12.00 -9.02 -9.94
CA THR A 435 -11.28 -10.22 -9.50
C THR A 435 -12.21 -11.32 -9.00
N ALA A 436 -13.21 -10.95 -8.22
CA ALA A 436 -14.15 -11.96 -7.69
C ALA A 436 -14.94 -12.60 -8.82
N SER A 437 -15.26 -11.81 -9.85
CA SER A 437 -16.02 -12.33 -10.98
C SER A 437 -15.25 -13.37 -11.75
N ALA A 438 -13.94 -13.30 -11.77
CA ALA A 438 -13.16 -14.29 -12.48
C ALA A 438 -12.70 -15.36 -11.54
N ALA A 439 -13.54 -15.71 -10.56
CA ALA A 439 -13.10 -16.72 -9.58
C ALA A 439 -13.75 -18.08 -9.75
N ASP A 440 -13.08 -19.11 -9.24
CA ASP A 440 -13.62 -20.46 -9.31
C ASP A 440 -14.59 -20.61 -8.14
N VAL A 441 -14.18 -20.13 -6.99
CA VAL A 441 -15.05 -20.20 -5.83
C VAL A 441 -14.95 -18.89 -5.02
N ILE A 442 -16.09 -18.24 -4.82
CA ILE A 442 -16.17 -17.00 -4.05
C ILE A 442 -16.72 -17.30 -2.68
N LEU A 443 -16.17 -16.63 -1.67
CA LEU A 443 -16.57 -16.79 -0.27
C LEU A 443 -16.70 -15.38 0.29
N PRO A 444 -17.92 -14.97 0.70
CA PRO A 444 -18.12 -13.62 1.25
C PRO A 444 -17.79 -13.47 2.71
N SER A 445 -17.35 -12.29 3.11
CA SER A 445 -16.97 -12.03 4.51
C SER A 445 -17.59 -10.76 5.08
N THR A 446 -17.49 -10.58 6.39
CA THR A 446 -18.05 -9.40 6.99
C THR A 446 -17.18 -8.18 6.68
N SER A 447 -17.84 -7.08 6.30
CA SER A 447 -17.18 -5.81 5.99
C SER A 447 -16.80 -5.05 7.27
N TRP A 448 -16.08 -3.95 7.07
CA TRP A 448 -15.59 -3.12 8.17
C TRP A 448 -16.54 -2.80 9.31
N GLY A 449 -17.67 -2.16 9.03
CA GLY A 449 -18.59 -1.86 10.14
C GLY A 449 -19.31 -3.07 10.75
N GLU A 450 -19.15 -4.24 10.15
CA GLU A 450 -19.83 -5.45 10.59
C GLU A 450 -18.96 -6.38 11.47
N HIS A 451 -17.79 -5.91 11.87
CA HIS A 451 -16.90 -6.73 12.67
C HIS A 451 -15.87 -5.81 13.34
N GLU A 452 -14.91 -6.38 14.10
CA GLU A 452 -13.90 -5.60 14.83
C GLU A 452 -12.48 -6.19 14.80
N GLY A 453 -11.59 -5.52 15.52
CA GLY A 453 -10.22 -5.93 15.62
C GLY A 453 -9.31 -4.73 15.82
N VAL A 454 -8.07 -4.85 15.33
CA VAL A 454 -7.02 -3.82 15.46
C VAL A 454 -6.47 -3.52 14.04
N PHE A 455 -5.99 -2.28 13.83
CA PHE A 455 -5.37 -1.85 12.56
C PHE A 455 -4.10 -1.15 12.98
N THR A 456 -3.09 -1.10 12.11
CA THR A 456 -1.86 -0.39 12.46
C THR A 456 -1.71 0.86 11.57
N ALA A 457 -1.68 2.05 12.18
CA ALA A 457 -1.54 3.31 11.43
C ALA A 457 -0.17 3.34 10.72
N ALA A 458 0.00 4.28 9.79
CA ALA A 458 1.23 4.41 9.02
C ALA A 458 2.53 4.28 9.82
N ASP A 459 2.55 4.91 10.99
CA ASP A 459 3.71 4.94 11.91
C ASP A 459 3.66 3.85 12.96
N ARG A 460 3.36 2.63 12.56
CA ARG A 460 3.28 1.49 13.51
C ARG A 460 2.42 1.65 14.78
N GLY A 461 1.43 2.54 14.72
CA GLY A 461 0.54 2.78 15.85
C GLY A 461 -0.72 1.92 15.92
N PHE A 462 -0.74 0.95 16.83
CA PHE A 462 -1.89 0.06 17.02
C PHE A 462 -3.13 0.84 17.45
N GLN A 463 -4.28 0.46 16.90
CA GLN A 463 -5.51 1.12 17.28
C GLN A 463 -6.63 0.11 17.10
N ARG A 464 -7.62 0.21 17.98
CA ARG A 464 -8.76 -0.68 18.00
C ARG A 464 -9.93 -0.13 17.19
N PHE A 465 -10.70 -1.03 16.58
CA PHE A 465 -11.88 -0.67 15.82
C PHE A 465 -13.03 -1.62 16.27
N PHE A 466 -14.23 -1.05 16.45
CA PHE A 466 -15.37 -1.80 16.97
C PHE A 466 -16.52 -2.13 16.03
N LYS A 467 -17.21 -3.23 16.32
CA LYS A 467 -18.36 -3.63 15.50
C LYS A 467 -19.56 -2.68 15.71
N ALA A 468 -20.10 -2.12 14.63
CA ALA A 468 -21.23 -1.22 14.76
C ALA A 468 -22.55 -1.84 14.40
N VAL A 469 -22.51 -2.80 13.50
CA VAL A 469 -23.75 -3.37 13.02
C VAL A 469 -23.68 -4.87 12.76
N GLU A 470 -24.76 -5.47 12.28
CA GLU A 470 -24.79 -6.89 12.00
C GLU A 470 -24.91 -7.05 10.52
N PRO A 471 -24.28 -8.09 9.95
CA PRO A 471 -24.39 -8.27 8.50
C PRO A 471 -25.82 -8.68 8.16
N LYS A 472 -26.37 -8.19 7.05
CA LYS A 472 -27.73 -8.56 6.69
C LYS A 472 -27.78 -9.94 6.05
N TRP A 473 -26.62 -10.54 5.85
CA TRP A 473 -26.57 -11.85 5.23
C TRP A 473 -25.74 -12.81 6.04
N ASP A 474 -25.82 -14.08 5.69
CA ASP A 474 -25.06 -15.11 6.38
C ASP A 474 -23.60 -15.03 5.93
N LEU A 475 -22.85 -14.15 6.57
CA LEU A 475 -21.46 -13.97 6.24
C LEU A 475 -20.60 -14.37 7.42
N LYS A 476 -19.33 -14.69 7.15
CA LYS A 476 -18.39 -15.03 8.21
C LYS A 476 -17.28 -13.95 8.28
N THR A 477 -16.60 -13.85 9.41
CA THR A 477 -15.54 -12.87 9.46
C THR A 477 -14.46 -13.62 8.70
N ASP A 478 -13.55 -12.92 8.04
CA ASP A 478 -12.49 -13.59 7.30
C ASP A 478 -11.81 -14.66 8.13
N TRP A 479 -11.55 -14.39 9.40
CA TRP A 479 -10.91 -15.42 10.19
C TRP A 479 -11.78 -16.64 10.48
N GLN A 480 -13.10 -16.48 10.49
CA GLN A 480 -13.99 -17.62 10.73
C GLN A 480 -14.00 -18.54 9.51
N ILE A 481 -13.90 -17.97 8.32
CA ILE A 481 -13.91 -18.79 7.13
C ILE A 481 -12.63 -19.62 7.08
N ILE A 482 -11.48 -18.95 7.16
CA ILE A 482 -10.18 -19.64 7.15
C ILE A 482 -10.10 -20.67 8.28
N SER A 483 -10.64 -20.33 9.45
CA SER A 483 -10.62 -21.27 10.57
C SER A 483 -11.39 -22.55 10.22
N GLU A 484 -12.53 -22.40 9.56
CA GLU A 484 -13.33 -23.56 9.22
C GLU A 484 -12.69 -24.46 8.15
N ILE A 485 -11.98 -23.86 7.22
CA ILE A 485 -11.30 -24.62 6.16
C ILE A 485 -10.11 -25.38 6.76
N ALA A 486 -9.41 -24.72 7.68
CA ALA A 486 -8.28 -25.29 8.40
C ALA A 486 -8.80 -26.53 9.10
N THR A 487 -9.87 -26.36 9.86
CA THR A 487 -10.49 -27.47 10.57
C THR A 487 -10.89 -28.59 9.59
N ARG A 488 -11.53 -28.24 8.48
CA ARG A 488 -11.96 -29.26 7.52
C ARG A 488 -10.78 -30.00 6.90
N MET A 489 -9.62 -29.36 6.95
CA MET A 489 -8.42 -29.93 6.43
C MET A 489 -7.69 -30.70 7.51
N GLY A 490 -8.35 -30.94 8.64
CA GLY A 490 -7.73 -31.69 9.71
C GLY A 490 -7.04 -30.94 10.81
N TYR A 491 -6.73 -29.65 10.62
CA TYR A 491 -6.06 -28.88 11.67
C TYR A 491 -7.13 -28.11 12.43
N PRO A 492 -7.36 -28.46 13.70
CA PRO A 492 -8.39 -27.76 14.49
C PRO A 492 -8.16 -26.28 14.72
N MET A 493 -9.16 -25.45 14.40
CA MET A 493 -9.04 -24.01 14.62
C MET A 493 -10.40 -23.32 14.69
N HIS A 494 -10.62 -22.58 15.77
CA HIS A 494 -11.85 -21.82 15.95
C HIS A 494 -11.59 -20.75 17.02
N TYR A 495 -11.98 -19.52 16.74
CA TYR A 495 -11.79 -18.42 17.65
C TYR A 495 -13.13 -17.81 17.98
N ASN A 496 -13.37 -17.69 19.27
CA ASN A 496 -14.61 -17.14 19.77
C ASN A 496 -14.72 -15.66 19.41
N ASN A 497 -13.57 -15.02 19.23
CA ASN A 497 -13.57 -13.60 18.88
C ASN A 497 -12.17 -13.13 18.53
N THR A 498 -12.03 -11.89 18.09
CA THR A 498 -10.73 -11.39 17.69
C THR A 498 -9.66 -11.24 18.76
N GLN A 499 -10.03 -10.81 19.97
CA GLN A 499 -9.03 -10.66 21.03
C GLN A 499 -8.31 -11.97 21.36
N GLU A 500 -9.02 -13.08 21.17
CA GLU A 500 -8.46 -14.39 21.41
C GLU A 500 -7.28 -14.55 20.49
N ILE A 501 -7.43 -14.05 19.26
CA ILE A 501 -6.35 -14.13 18.28
C ILE A 501 -5.30 -13.14 18.70
N TRP A 502 -5.72 -11.95 19.09
CA TRP A 502 -4.74 -10.96 19.52
C TRP A 502 -3.87 -11.38 20.70
N ASP A 503 -4.37 -12.25 21.57
CA ASP A 503 -3.57 -12.68 22.73
C ASP A 503 -2.57 -13.78 22.41
N GLU A 504 -2.96 -14.67 21.50
CA GLU A 504 -2.10 -15.78 21.08
C GLU A 504 -0.92 -15.09 20.42
N LEU A 505 -1.28 -14.15 19.57
CA LEU A 505 -0.41 -13.30 18.80
C LEU A 505 0.52 -12.61 19.79
N ARG A 506 -0.05 -11.87 20.74
CA ARG A 506 0.77 -11.15 21.71
C ARG A 506 1.79 -12.02 22.43
N HIS A 507 1.46 -13.30 22.61
CA HIS A 507 2.32 -14.27 23.29
C HIS A 507 3.42 -14.87 22.41
N LEU A 508 3.36 -14.59 21.11
CA LEU A 508 4.33 -15.05 20.12
C LEU A 508 5.17 -13.88 19.60
N CYS A 509 4.67 -12.65 19.76
CA CYS A 509 5.41 -11.49 19.30
C CYS A 509 5.83 -10.59 20.47
N PRO A 510 7.02 -10.83 21.02
CA PRO A 510 7.54 -10.04 22.15
C PRO A 510 7.48 -8.52 22.07
N ASP A 511 7.24 -7.99 20.88
CA ASP A 511 7.14 -6.54 20.65
C ASP A 511 5.71 -6.01 20.62
N PHE A 512 4.74 -6.91 20.65
CA PHE A 512 3.33 -6.55 20.61
C PHE A 512 2.66 -6.95 21.90
N TYR A 513 3.40 -7.68 22.73
CA TYR A 513 2.88 -8.16 24.02
C TYR A 513 2.20 -7.11 24.88
N GLY A 514 2.85 -5.96 25.06
CA GLY A 514 2.28 -4.92 25.88
C GLY A 514 1.11 -4.17 25.26
N ALA A 515 0.85 -4.36 23.98
CA ALA A 515 -0.24 -3.66 23.33
C ALA A 515 -1.51 -4.45 23.58
N THR A 516 -1.97 -4.46 24.82
CA THR A 516 -3.19 -5.19 25.11
C THR A 516 -4.42 -4.44 24.60
N TYR A 517 -5.51 -5.18 24.42
CA TYR A 517 -6.79 -4.62 23.96
C TYR A 517 -7.19 -3.51 24.93
N GLU A 518 -7.05 -3.81 26.23
CA GLU A 518 -7.40 -2.87 27.27
C GLU A 518 -6.61 -1.59 27.07
N LYS A 519 -5.33 -1.73 26.75
CA LYS A 519 -4.47 -0.58 26.58
C LYS A 519 -4.83 0.20 25.34
N MET A 520 -4.95 -0.46 24.20
CA MET A 520 -5.29 0.30 23.00
C MET A 520 -6.61 1.06 23.21
N GLY A 521 -7.51 0.48 23.99
CA GLY A 521 -8.80 1.08 24.27
C GLY A 521 -9.60 1.61 23.10
N GLU A 522 -10.44 2.62 23.34
CA GLU A 522 -11.25 3.22 22.30
C GLU A 522 -10.50 4.31 21.57
N LEU A 523 -9.62 5.04 22.25
CA LEU A 523 -8.88 6.09 21.55
C LEU A 523 -7.38 5.99 21.72
N GLY A 524 -6.91 4.80 22.09
CA GLY A 524 -5.50 4.61 22.31
C GLY A 524 -4.82 4.38 21.00
N PHE A 525 -3.55 4.80 20.93
CA PHE A 525 -2.69 4.70 19.77
C PHE A 525 -1.39 4.13 20.33
N ILE A 526 -1.20 2.82 20.23
CA ILE A 526 -0.01 2.19 20.78
C ILE A 526 0.96 1.71 19.72
N GLN A 527 1.94 2.53 19.38
CA GLN A 527 2.93 2.16 18.38
C GLN A 527 3.90 1.13 18.97
N TRP A 528 4.04 0.00 18.30
CA TRP A 528 4.98 -1.02 18.74
C TRP A 528 6.41 -0.49 18.50
N PRO A 529 7.43 -1.04 19.20
CA PRO A 529 7.34 -2.12 20.20
C PRO A 529 6.66 -1.67 21.47
N CYS A 530 5.91 -2.58 22.06
CA CYS A 530 5.23 -2.34 23.31
C CYS A 530 5.38 -3.73 23.89
N ARG A 531 6.34 -3.84 24.80
CA ARG A 531 6.67 -5.11 25.40
C ARG A 531 5.96 -5.45 26.70
N ASP A 532 5.90 -4.49 27.61
CA ASP A 532 5.25 -4.77 28.88
C ASP A 532 3.79 -4.38 28.90
N THR A 533 2.96 -5.26 29.45
CA THR A 533 1.54 -4.96 29.56
C THR A 533 1.34 -3.76 30.49
N SER A 534 2.35 -3.51 31.33
CA SER A 534 2.39 -2.38 32.25
C SER A 534 1.93 -1.09 31.57
N ASP A 535 0.96 -0.40 32.17
CA ASP A 535 0.49 0.84 31.57
C ASP A 535 1.53 1.96 31.53
N ALA A 536 2.72 1.71 32.04
CA ALA A 536 3.78 2.70 31.99
C ALA A 536 4.43 2.59 30.62
N ASP A 537 4.18 1.46 29.96
CA ASP A 537 4.73 1.17 28.65
C ASP A 537 3.68 1.59 27.61
N GLN A 538 3.68 2.86 27.24
CA GLN A 538 2.71 3.32 26.27
C GLN A 538 3.09 3.12 24.80
N GLY A 539 4.28 2.58 24.54
CA GLY A 539 4.70 2.37 23.16
C GLY A 539 5.94 3.15 22.72
N THR A 540 6.44 2.84 21.53
CA THR A 540 7.64 3.46 21.01
C THR A 540 7.34 4.52 19.96
N SER A 541 7.71 5.77 20.26
CA SER A 541 7.45 6.88 19.35
C SER A 541 8.40 7.03 18.18
N TYR A 542 9.69 6.82 18.42
CA TYR A 542 10.65 6.91 17.35
C TYR A 542 11.65 5.79 17.59
N LEU A 543 12.30 5.35 16.51
CA LEU A 543 13.23 4.26 16.62
C LEU A 543 14.68 4.70 16.63
N PHE A 544 15.54 3.71 16.83
CA PHE A 544 16.98 3.90 16.81
C PHE A 544 17.50 4.95 17.77
N LYS A 545 16.94 4.99 18.98
CA LYS A 545 17.40 5.95 20.01
C LYS A 545 18.77 5.56 20.58
N GLU A 546 18.98 4.27 20.83
CA GLU A 546 20.26 3.81 21.36
C GLU A 546 21.12 3.11 20.31
N LYS A 547 20.55 2.14 19.60
CA LYS A 547 21.29 1.46 18.56
C LYS A 547 20.40 1.38 17.32
N PHE A 548 20.95 0.88 16.21
CA PHE A 548 20.22 0.80 14.95
C PHE A 548 19.55 -0.50 14.53
N ASP A 549 19.47 -1.52 15.37
CA ASP A 549 18.81 -2.75 14.93
C ASP A 549 19.49 -3.52 13.78
N THR A 550 20.60 -2.98 13.27
CA THR A 550 21.35 -3.68 12.23
C THR A 550 22.08 -4.77 13.02
N PRO A 551 22.63 -5.78 12.34
CA PRO A 551 23.32 -6.84 13.10
C PRO A 551 24.38 -6.34 14.05
N ASN A 552 25.00 -5.22 13.71
CA ASN A 552 26.04 -4.65 14.55
C ASN A 552 25.78 -3.21 15.02
N GLY A 553 24.51 -2.78 15.02
CA GLY A 553 24.15 -1.46 15.50
C GLY A 553 24.46 -0.18 14.77
N LEU A 554 25.13 -0.25 13.63
CA LEU A 554 25.42 0.98 12.88
C LEU A 554 24.51 1.09 11.66
N ALA A 555 24.15 2.29 11.24
CA ALA A 555 23.34 2.43 10.04
C ALA A 555 24.34 2.14 8.92
N GLN A 556 23.86 1.64 7.78
CA GLN A 556 24.74 1.32 6.65
C GLN A 556 24.54 2.27 5.48
N PHE A 557 25.51 3.16 5.27
CA PHE A 557 25.48 4.14 4.18
C PHE A 557 25.35 3.48 2.81
N PHE A 558 24.64 4.11 1.88
CA PHE A 558 24.49 3.52 0.55
C PHE A 558 23.90 4.35 -0.59
N THR A 559 24.44 4.14 -1.79
CA THR A 559 23.97 4.72 -3.07
C THR A 559 24.54 3.89 -4.20
N CYS A 560 24.22 4.33 -5.41
CA CYS A 560 24.67 3.67 -6.61
C CYS A 560 24.52 4.72 -7.70
N ASP A 561 24.71 4.31 -8.95
CA ASP A 561 24.57 5.23 -10.05
C ASP A 561 23.12 5.26 -10.53
N TRP A 562 22.69 6.44 -10.94
CA TRP A 562 21.35 6.60 -11.44
C TRP A 562 21.17 5.69 -12.67
N VAL A 563 19.94 5.28 -12.92
CA VAL A 563 19.63 4.46 -14.09
C VAL A 563 18.20 4.86 -14.43
N ALA A 564 17.99 5.19 -15.69
CA ALA A 564 16.68 5.59 -16.14
C ALA A 564 15.66 4.46 -16.11
N PRO A 565 14.36 4.81 -16.04
CA PRO A 565 13.35 3.77 -16.01
C PRO A 565 13.48 2.96 -17.29
N ILE A 566 12.79 1.83 -17.34
CA ILE A 566 12.86 0.93 -18.48
C ILE A 566 12.51 1.44 -19.87
N ASP A 567 11.24 1.66 -20.17
CA ASP A 567 10.79 2.14 -21.48
C ASP A 567 11.56 3.40 -21.93
N LYS A 568 11.52 3.74 -23.22
CA LYS A 568 12.20 4.95 -23.67
C LYS A 568 11.32 5.89 -24.49
N LEU A 569 11.29 7.15 -24.08
CA LEU A 569 10.51 8.14 -24.78
C LEU A 569 11.07 8.27 -26.19
N THR A 570 10.27 7.89 -27.17
CA THR A 570 10.67 7.97 -28.56
C THR A 570 10.30 9.38 -29.10
N ASP A 571 10.15 9.50 -30.43
CA ASP A 571 9.75 10.76 -31.01
C ASP A 571 8.22 10.73 -31.12
N GLU A 572 7.68 9.51 -31.06
CA GLU A 572 6.25 9.29 -31.14
C GLU A 572 5.59 9.35 -29.75
N TYR A 573 6.31 8.94 -28.72
CA TYR A 573 5.76 8.92 -27.38
C TYR A 573 6.64 9.65 -26.41
N PRO A 574 6.95 10.92 -26.69
CA PRO A 574 7.81 11.60 -25.70
C PRO A 574 7.07 11.69 -24.35
N MET A 575 5.82 11.24 -24.36
CA MET A 575 4.95 11.24 -23.20
C MET A 575 5.22 10.17 -22.14
N VAL A 576 5.38 10.65 -20.91
CA VAL A 576 5.64 9.78 -19.76
C VAL A 576 4.33 9.61 -18.99
N LEU A 577 3.82 8.39 -18.85
CA LEU A 577 2.62 8.20 -18.05
C LEU A 577 3.10 7.89 -16.65
N SER A 578 2.64 8.66 -15.68
CA SER A 578 3.02 8.41 -14.31
C SER A 578 1.72 8.20 -13.56
N THR A 579 1.43 6.95 -13.20
CA THR A 579 0.19 6.68 -12.50
C THR A 579 0.31 7.04 -11.03
N VAL A 580 -0.77 7.62 -10.55
CA VAL A 580 -0.90 8.12 -9.20
C VAL A 580 -2.28 7.65 -8.69
N ARG A 581 -2.87 8.40 -7.77
CA ARG A 581 -4.18 8.11 -7.21
C ARG A 581 -4.90 9.46 -7.15
N GLU A 582 -6.19 9.45 -6.80
CA GLU A 582 -6.94 10.70 -6.70
C GLU A 582 -7.64 10.72 -5.34
N VAL A 583 -8.04 11.90 -4.90
CA VAL A 583 -8.74 12.02 -3.61
C VAL A 583 -10.20 11.68 -3.86
N GLY A 584 -10.97 11.48 -2.79
CA GLY A 584 -12.37 11.18 -3.00
C GLY A 584 -12.63 9.78 -3.51
N HIS A 585 -11.60 9.13 -4.02
CA HIS A 585 -11.71 7.76 -4.50
C HIS A 585 -10.50 6.99 -4.01
N TYR A 586 -10.72 5.82 -3.43
CA TYR A 586 -9.60 5.05 -2.86
C TYR A 586 -9.32 3.67 -3.47
N SER A 587 -8.17 3.53 -4.12
CA SER A 587 -7.74 2.26 -4.73
C SER A 587 -8.80 1.64 -5.66
N CYS A 588 -9.19 0.41 -5.35
CA CYS A 588 -10.20 -0.36 -6.08
C CYS A 588 -11.47 0.42 -6.39
N ARG A 589 -11.82 1.36 -5.52
CA ARG A 589 -13.02 2.14 -5.69
C ARG A 589 -14.25 1.24 -5.52
N SER A 590 -14.03 0.11 -4.86
CA SER A 590 -15.03 -0.92 -4.58
C SER A 590 -15.93 -0.46 -3.43
N MET A 591 -15.28 0.21 -2.48
CA MET A 591 -15.96 0.73 -1.33
C MET A 591 -16.37 2.11 -1.72
N THR A 592 -15.38 2.92 -2.05
CA THR A 592 -15.58 4.31 -2.44
C THR A 592 -16.55 4.52 -3.59
N GLY A 593 -16.42 3.74 -4.65
CA GLY A 593 -17.32 3.88 -5.76
C GLY A 593 -18.74 3.50 -5.42
N ASN A 594 -18.96 2.73 -4.36
CA ASN A 594 -20.31 2.31 -3.96
C ASN A 594 -20.86 3.26 -2.89
N CYS A 595 -20.21 4.41 -2.74
CA CYS A 595 -20.66 5.42 -1.79
C CYS A 595 -21.31 6.61 -2.51
N ALA A 596 -22.61 6.77 -2.26
CA ALA A 596 -23.44 7.83 -2.84
C ALA A 596 -22.77 9.19 -3.03
N ALA A 597 -22.31 9.83 -1.96
CA ALA A 597 -21.68 11.13 -2.14
C ALA A 597 -20.33 11.15 -2.88
N LEU A 598 -19.47 10.16 -2.67
CA LEU A 598 -18.18 10.15 -3.36
C LEU A 598 -18.35 9.77 -4.84
N ALA A 599 -19.30 8.88 -5.10
CA ALA A 599 -19.58 8.42 -6.44
C ALA A 599 -19.99 9.63 -7.28
N ALA A 600 -20.76 10.52 -6.65
CA ALA A 600 -21.26 11.74 -7.26
C ALA A 600 -20.22 12.82 -7.63
N LEU A 601 -18.96 12.69 -7.21
CA LEU A 601 -17.94 13.69 -7.56
C LEU A 601 -17.03 13.16 -8.67
N ALA A 602 -17.09 11.84 -8.89
CA ALA A 602 -16.26 11.22 -9.90
C ALA A 602 -16.65 9.81 -10.27
N ASP A 603 -16.93 9.61 -11.55
CA ASP A 603 -17.25 8.30 -12.07
C ASP A 603 -16.33 8.05 -13.30
N GLU A 604 -16.66 7.03 -14.09
CA GLU A 604 -15.87 6.63 -15.25
C GLU A 604 -15.84 7.69 -16.34
N PRO A 605 -14.79 7.69 -17.18
CA PRO A 605 -13.61 6.79 -17.20
C PRO A 605 -12.42 7.21 -16.33
N GLY A 606 -12.33 8.48 -16.00
CA GLY A 606 -11.22 8.97 -15.21
C GLY A 606 -10.65 10.14 -15.97
N TYR A 607 -9.59 10.76 -15.45
CA TYR A 607 -8.96 11.90 -16.07
C TYR A 607 -7.49 11.66 -16.29
N ALA A 608 -6.97 12.25 -17.36
CA ALA A 608 -5.55 12.16 -17.68
C ALA A 608 -5.06 13.60 -17.58
N GLN A 609 -4.16 13.85 -16.62
CA GLN A 609 -3.60 15.18 -16.40
C GLN A 609 -2.65 15.54 -17.53
N ILE A 610 -3.07 16.46 -18.38
CA ILE A 610 -2.26 16.87 -19.53
C ILE A 610 -1.81 18.32 -19.34
N ASN A 611 -0.56 18.58 -19.70
CA ASN A 611 0.04 19.89 -19.56
C ASN A 611 -0.53 20.97 -20.47
N THR A 612 -0.80 22.14 -19.89
CA THR A 612 -1.35 23.31 -20.61
C THR A 612 -0.59 23.59 -21.89
N GLU A 613 0.55 24.25 -21.70
CA GLU A 613 1.45 24.67 -22.77
C GLU A 613 1.50 23.66 -23.92
N ASP A 614 1.84 22.41 -23.62
CA ASP A 614 1.95 21.42 -24.69
C ASP A 614 0.65 20.77 -25.16
N ALA A 615 -0.43 20.91 -24.41
CA ALA A 615 -1.70 20.32 -24.84
C ALA A 615 -2.22 21.16 -26.00
N LYS A 616 -2.02 22.48 -25.91
CA LYS A 616 -2.44 23.43 -26.94
C LYS A 616 -1.82 23.07 -28.29
N ARG A 617 -0.76 22.27 -28.25
CA ARG A 617 -0.05 21.87 -29.46
C ARG A 617 -0.18 20.35 -29.68
N LEU A 618 -1.22 19.78 -29.07
CA LEU A 618 -1.50 18.35 -29.16
C LEU A 618 -2.92 18.13 -29.73
N GLY A 619 -3.74 19.17 -29.60
CA GLY A 619 -5.11 19.09 -30.11
C GLY A 619 -6.01 18.39 -29.13
N ILE A 620 -5.82 18.67 -27.85
CA ILE A 620 -6.61 18.06 -26.79
C ILE A 620 -6.98 19.19 -25.83
N GLU A 621 -8.25 19.25 -25.42
CA GLU A 621 -8.69 20.27 -24.46
C GLU A 621 -9.42 19.63 -23.30
N ASP A 622 -9.55 20.39 -22.24
CA ASP A 622 -10.23 20.00 -21.00
C ASP A 622 -11.52 19.23 -21.35
N GLU A 623 -11.85 18.21 -20.55
CA GLU A 623 -13.05 17.40 -20.69
C GLU A 623 -13.24 16.54 -21.95
N ALA A 624 -12.21 16.45 -22.78
CA ALA A 624 -12.33 15.66 -23.98
C ALA A 624 -11.86 14.24 -23.80
N LEU A 625 -12.62 13.29 -24.35
CA LEU A 625 -12.26 11.88 -24.28
C LEU A 625 -11.06 11.70 -25.20
N VAL A 626 -10.06 10.98 -24.72
CA VAL A 626 -8.82 10.78 -25.45
C VAL A 626 -8.36 9.30 -25.33
N TRP A 627 -7.42 8.90 -26.16
CA TRP A 627 -6.90 7.53 -26.11
C TRP A 627 -5.45 7.47 -25.62
N VAL A 628 -5.12 6.40 -24.91
CA VAL A 628 -3.79 6.21 -24.37
C VAL A 628 -3.35 4.84 -24.85
N HIS A 629 -2.34 4.81 -25.71
CA HIS A 629 -1.84 3.56 -26.25
C HIS A 629 -0.57 3.09 -25.58
N SER A 630 -0.28 1.80 -25.71
CA SER A 630 0.89 1.19 -25.09
C SER A 630 1.17 -0.25 -25.55
N ARG A 631 2.42 -0.66 -25.39
CA ARG A 631 2.84 -2.00 -25.71
C ARG A 631 1.94 -3.02 -24.99
N LYS A 632 1.41 -2.62 -23.84
CA LYS A 632 0.54 -3.47 -23.04
C LYS A 632 -0.94 -3.24 -23.37
N GLY A 633 -1.23 -2.06 -23.89
CA GLY A 633 -2.62 -1.74 -24.22
C GLY A 633 -2.88 -0.39 -24.85
N LYS A 634 -4.13 0.03 -24.72
CA LYS A 634 -4.59 1.31 -25.26
C LYS A 634 -5.88 1.56 -24.47
N ILE A 635 -5.79 2.53 -23.56
CA ILE A 635 -6.90 2.91 -22.69
C ILE A 635 -7.62 4.21 -23.12
N ILE A 636 -8.88 4.33 -22.71
CA ILE A 636 -9.67 5.51 -23.01
C ILE A 636 -9.82 6.28 -21.71
N THR A 637 -9.68 7.61 -21.78
CA THR A 637 -9.83 8.49 -20.59
C THR A 637 -10.25 9.87 -21.00
N ARG A 638 -10.64 10.68 -20.02
CA ARG A 638 -11.02 12.06 -20.29
C ARG A 638 -9.82 12.90 -19.94
N ALA A 639 -9.52 13.87 -20.79
CA ALA A 639 -8.37 14.73 -20.56
C ALA A 639 -8.70 15.80 -19.53
N GLN A 640 -7.67 16.48 -19.07
CA GLN A 640 -7.85 17.58 -18.15
C GLN A 640 -6.59 18.37 -18.22
N VAL A 641 -6.59 19.28 -19.19
CA VAL A 641 -5.45 20.14 -19.44
C VAL A 641 -5.36 21.16 -18.32
N SER A 642 -4.15 21.36 -17.82
CA SER A 642 -3.89 22.29 -16.74
C SER A 642 -2.40 22.50 -16.67
N ASP A 643 -2.00 23.47 -15.86
CA ASP A 643 -0.59 23.82 -15.66
C ASP A 643 0.07 23.03 -14.55
N ARG A 644 -0.62 22.04 -14.01
CA ARG A 644 -0.06 21.25 -12.92
C ARG A 644 0.86 20.10 -13.40
N PRO A 645 0.40 19.27 -14.34
CA PRO A 645 1.31 18.21 -14.78
C PRO A 645 2.50 18.86 -15.48
N ASN A 646 3.66 18.25 -15.32
CA ASN A 646 4.89 18.74 -15.90
C ASN A 646 4.90 18.42 -17.37
N LYS A 647 5.15 19.45 -18.17
CA LYS A 647 5.19 19.35 -19.62
C LYS A 647 6.07 18.20 -19.97
N GLY A 648 5.52 17.21 -20.67
CA GLY A 648 6.29 16.03 -21.03
C GLY A 648 5.72 14.75 -20.46
N ALA A 649 5.01 14.86 -19.34
CA ALA A 649 4.40 13.70 -18.70
C ALA A 649 2.92 13.91 -18.51
N ILE A 650 2.20 12.81 -18.37
CA ILE A 650 0.76 12.84 -18.12
C ILE A 650 0.57 12.05 -16.82
N TYR A 651 -0.63 12.11 -16.26
CA TYR A 651 -0.90 11.40 -15.01
C TYR A 651 -2.26 10.75 -15.02
N MET A 652 -2.30 9.52 -14.51
CA MET A 652 -3.53 8.74 -14.46
C MET A 652 -3.54 7.93 -13.18
N THR A 653 -4.72 7.49 -12.73
CA THR A 653 -4.81 6.72 -11.50
C THR A 653 -5.28 5.30 -11.77
N TYR A 654 -5.30 4.46 -10.73
CA TYR A 654 -5.73 3.07 -10.91
C TYR A 654 -7.10 2.76 -10.27
N GLN A 655 -7.85 3.82 -9.93
CA GLN A 655 -9.16 3.64 -9.31
C GLN A 655 -10.30 3.42 -10.30
N TRP A 656 -10.00 3.49 -11.60
CA TRP A 656 -11.03 3.36 -12.63
C TRP A 656 -11.14 2.03 -13.37
N TRP A 657 -12.36 1.52 -13.44
CA TRP A 657 -12.62 0.24 -14.09
C TRP A 657 -12.63 0.32 -15.58
N ILE A 658 -13.13 1.45 -16.11
CA ILE A 658 -13.20 1.67 -17.56
C ILE A 658 -11.87 2.08 -18.14
N GLY A 659 -11.31 3.16 -17.66
CA GLY A 659 -10.03 3.56 -18.21
C GLY A 659 -8.99 3.00 -17.27
N ALA A 660 -8.87 1.68 -17.21
CA ALA A 660 -7.93 1.04 -16.29
C ALA A 660 -6.47 1.26 -16.71
N CYS A 661 -5.82 2.24 -16.06
CA CYS A 661 -4.45 2.58 -16.37
C CYS A 661 -3.55 1.37 -16.31
N ASN A 662 -3.81 0.46 -15.36
CA ASN A 662 -3.02 -0.76 -15.19
C ASN A 662 -3.07 -1.69 -16.40
N GLU A 663 -3.94 -1.34 -17.34
CA GLU A 663 -4.11 -2.09 -18.59
C GLU A 663 -2.86 -1.87 -19.42
N LEU A 664 -2.30 -0.68 -19.27
CA LEU A 664 -1.15 -0.24 -20.03
C LEU A 664 0.18 -0.41 -19.34
N VAL A 665 0.18 -0.55 -18.02
CA VAL A 665 1.46 -0.65 -17.35
C VAL A 665 2.12 -2.02 -17.42
N THR A 666 3.41 -2.01 -17.79
CA THR A 666 4.23 -3.22 -17.89
C THR A 666 4.82 -3.43 -16.51
N GLU A 667 4.73 -4.65 -16.00
CA GLU A 667 5.30 -4.91 -14.69
C GLU A 667 6.81 -5.00 -14.78
N ASN A 668 7.48 -4.00 -14.24
CA ASN A 668 8.94 -4.00 -14.26
C ASN A 668 9.26 -4.25 -12.81
N LEU A 669 8.93 -5.46 -12.38
CA LEU A 669 9.14 -5.92 -11.01
C LEU A 669 10.58 -5.68 -10.63
N SER A 670 10.75 -4.90 -9.58
CA SER A 670 12.09 -4.60 -9.10
C SER A 670 12.76 -5.92 -8.76
N PRO A 671 14.02 -6.07 -9.15
CA PRO A 671 14.74 -7.31 -8.86
C PRO A 671 14.80 -7.66 -7.37
N ILE A 672 14.69 -6.65 -6.50
CA ILE A 672 14.79 -6.93 -5.07
C ILE A 672 13.53 -7.32 -4.29
N THR A 673 12.52 -6.45 -4.31
CA THR A 673 11.25 -6.72 -3.60
C THR A 673 10.15 -7.19 -4.53
N LYS A 674 10.46 -7.26 -5.82
CA LYS A 674 9.49 -7.66 -6.82
C LYS A 674 8.34 -6.67 -6.79
N THR A 675 8.66 -5.42 -7.10
CA THR A 675 7.67 -4.34 -7.11
C THR A 675 7.58 -3.66 -8.47
N PRO A 676 6.36 -3.58 -9.01
CA PRO A 676 6.09 -2.95 -10.31
C PRO A 676 6.43 -1.45 -10.39
N GLU A 677 6.92 -1.03 -11.57
CA GLU A 677 7.29 0.37 -11.84
C GLU A 677 6.11 1.19 -12.35
N TYR A 678 5.05 1.18 -11.55
CA TYR A 678 3.80 1.88 -11.83
C TYR A 678 3.97 3.38 -12.13
N LYS A 679 5.11 3.98 -11.77
CA LYS A 679 5.34 5.42 -11.96
C LYS A 679 5.97 5.89 -13.28
N TYR A 680 6.26 4.95 -14.19
CA TYR A 680 6.86 5.34 -15.46
C TYR A 680 6.38 4.39 -16.54
N CYS A 681 5.56 4.90 -17.45
CA CYS A 681 5.07 4.08 -18.54
C CYS A 681 4.99 4.90 -19.82
N ALA A 682 5.81 4.54 -20.80
CA ALA A 682 5.87 5.22 -22.10
C ALA A 682 4.54 5.05 -22.81
N VAL A 683 3.81 6.15 -22.96
CA VAL A 683 2.51 6.13 -23.61
C VAL A 683 2.42 7.24 -24.63
N ARG A 684 1.36 7.17 -25.42
CA ARG A 684 1.09 8.10 -26.47
C ARG A 684 -0.37 8.54 -26.43
N VAL A 685 -0.59 9.82 -26.15
CA VAL A 685 -1.95 10.36 -26.05
C VAL A 685 -2.43 10.70 -27.45
N GLU A 686 -3.68 10.35 -27.75
CA GLU A 686 -4.22 10.63 -29.07
C GLU A 686 -5.60 11.21 -28.97
N PRO A 687 -5.88 12.31 -29.70
CA PRO A 687 -7.20 12.94 -29.64
C PRO A 687 -8.31 12.08 -30.23
N ILE A 688 -9.53 12.52 -30.05
CA ILE A 688 -10.71 11.81 -30.55
C ILE A 688 -11.65 12.87 -31.12
N ALA A 689 -11.87 12.81 -32.44
CA ALA A 689 -12.75 13.79 -33.10
C ALA A 689 -14.24 13.57 -32.78
N ASP A 690 -14.75 12.37 -33.05
CA ASP A 690 -16.16 12.10 -32.77
C ASP A 690 -16.47 11.88 -31.28
N GLN A 691 -16.30 12.93 -30.48
CA GLN A 691 -16.55 12.86 -29.04
C GLN A 691 -17.87 12.18 -28.70
N ARG A 692 -18.96 12.67 -29.28
CA ARG A 692 -20.29 12.13 -29.03
C ARG A 692 -20.34 10.61 -29.09
N ALA A 693 -19.58 10.02 -30.01
CA ALA A 693 -19.54 8.56 -30.15
C ALA A 693 -18.71 7.92 -29.05
N ALA A 694 -17.74 8.69 -28.55
CA ALA A 694 -16.84 8.25 -27.48
C ALA A 694 -17.59 8.33 -26.14
N GLU A 695 -18.41 9.36 -26.02
CA GLU A 695 -19.18 9.58 -24.81
C GLU A 695 -20.18 8.44 -24.58
N GLN A 696 -20.57 7.77 -25.66
CA GLN A 696 -21.49 6.64 -25.58
C GLN A 696 -20.69 5.34 -25.43
N TYR A 697 -19.41 5.41 -25.78
CA TYR A 697 -18.52 4.25 -25.65
C TYR A 697 -18.26 4.02 -24.15
N VAL A 698 -17.89 5.09 -23.46
CA VAL A 698 -17.64 5.02 -22.03
C VAL A 698 -18.90 4.46 -21.37
N ILE A 699 -20.06 5.04 -21.72
CA ILE A 699 -21.34 4.59 -21.18
C ILE A 699 -21.58 3.11 -21.47
N ASP A 700 -21.67 2.75 -22.74
CA ASP A 700 -21.91 1.34 -23.08
C ASP A 700 -20.94 0.40 -22.38
N GLU A 701 -19.64 0.71 -22.44
CA GLU A 701 -18.57 -0.08 -21.82
C GLU A 701 -18.66 -0.17 -20.30
N TYR A 702 -19.17 0.88 -19.68
CA TYR A 702 -19.34 0.91 -18.24
C TYR A 702 -20.54 0.04 -17.90
N ASN A 703 -21.64 0.31 -18.59
CA ASN A 703 -22.89 -0.41 -18.41
C ASN A 703 -22.70 -1.92 -18.60
N LYS A 704 -21.88 -2.29 -19.59
CA LYS A 704 -21.59 -3.70 -19.84
C LYS A 704 -20.97 -4.32 -18.60
N LEU A 705 -19.87 -3.72 -18.13
CA LEU A 705 -19.18 -4.21 -16.93
C LEU A 705 -20.07 -4.21 -15.72
N LYS A 706 -20.86 -3.16 -15.53
CA LYS A 706 -21.74 -3.08 -14.37
C LYS A 706 -22.81 -4.17 -14.37
N THR A 707 -23.42 -4.43 -15.52
CA THR A 707 -24.47 -5.47 -15.58
C THR A 707 -23.82 -6.82 -15.45
N ARG A 708 -22.69 -6.98 -16.13
CA ARG A 708 -21.90 -8.20 -16.11
C ARG A 708 -21.68 -8.65 -14.66
N LEU A 709 -20.97 -7.80 -13.92
CA LEU A 709 -20.67 -8.02 -12.51
C LEU A 709 -21.92 -8.22 -11.70
N ARG A 710 -22.98 -7.50 -12.06
CA ARG A 710 -24.26 -7.58 -11.36
C ARG A 710 -24.96 -8.95 -11.49
N GLU A 711 -24.96 -9.48 -12.69
CA GLU A 711 -25.56 -10.77 -12.94
C GLU A 711 -24.83 -11.84 -12.16
N ALA A 712 -23.51 -11.73 -12.05
CA ALA A 712 -22.69 -12.70 -11.33
C ALA A 712 -22.97 -12.69 -9.84
N ALA A 713 -23.22 -11.50 -9.31
CA ALA A 713 -23.46 -11.38 -7.90
C ALA A 713 -24.86 -11.78 -7.52
N LEU A 714 -25.83 -11.29 -8.29
CA LEU A 714 -27.24 -11.53 -8.00
C LEU A 714 -27.93 -12.62 -8.81
N ALA A 715 -27.24 -13.76 -9.03
CA ALA A 715 -27.83 -14.88 -9.78
C ALA A 715 -27.54 -16.24 -9.10
FE1 SF4 B . -9.20 10.63 5.35
FE2 SF4 B . -9.66 8.20 6.46
FE3 SF4 B . -8.33 9.98 7.97
FE4 SF4 B . -7.35 9.00 5.66
S1 SF4 B . -7.75 7.84 7.64
S2 SF4 B . -7.17 11.15 6.26
S3 SF4 B . -9.17 8.57 4.29
S4 SF4 B . -10.49 10.18 7.21
PB MGD C . -8.02 -2.55 -2.59
O1B MGD C . -8.36 -1.94 -3.87
O2B MGD C . -8.27 -1.78 -1.33
O3B MGD C . -6.48 -2.90 -2.80
O3A MGD C . -4.42 -2.81 -4.31
PA MGD C . -5.83 -3.55 -4.11
O1A MGD C . -5.55 -4.99 -3.87
O2A MGD C . -6.71 -3.24 -5.22
O5' MGD C . -8.69 -4.00 -2.48
C5' MGD C . -9.39 -4.38 -1.29
C4' MGD C . -10.33 -5.52 -1.62
O4' MGD C . -10.74 -6.15 -0.42
C3' MGD C . -11.61 -5.03 -2.34
O3' MGD C . -12.14 -6.06 -3.19
C2' MGD C . -12.55 -4.82 -1.14
O2' MGD C . -13.92 -4.90 -1.57
C1' MGD C . -12.15 -6.00 -0.26
N9 MGD C . -12.42 -5.86 1.17
C8 MGD C . -12.59 -4.76 1.99
N7 MGD C . -12.76 -5.06 3.27
C5 MGD C . -12.70 -6.44 3.27
C6 MGD C . -12.83 -7.36 4.31
O6 MGD C . -13.12 -7.09 5.48
N1 MGD C . -12.72 -8.66 3.90
C2 MGD C . -12.51 -9.07 2.61
N2 MGD C . -12.46 -10.37 2.41
N3 MGD C . -12.37 -8.22 1.61
C4 MGD C . -12.49 -6.93 1.99
C10 MGD C . -4.09 -1.46 -4.09
C11 MGD C . -2.72 -1.35 -4.79
O11 MGD C . -2.80 -0.73 -6.05
C12 MGD C . -1.71 -0.58 -3.97
S12 MGD C . -1.92 -0.37 -2.23
C13 MGD C . -0.65 0.07 -4.59
S13 MGD C . 0.52 0.88 -3.55
C14 MGD C . -0.50 0.05 -6.10
N15 MGD C . -0.59 1.43 -6.56
C16 MGD C . -0.76 1.56 -7.92
C17 MGD C . -0.35 2.74 -8.56
O17 MGD C . 0.22 3.64 -7.93
N18 MGD C . -0.58 2.84 -9.91
C19 MGD C . -1.17 1.85 -10.65
N19 MGD C . -1.44 2.08 -11.94
N20 MGD C . -1.54 0.73 -10.04
C21 MGD C . -1.38 0.54 -8.70
N22 MGD C . -1.80 -0.64 -8.16
C23 MGD C . -1.57 -0.82 -6.73
PB MGD D . 1.40 8.67 -5.37
O1B MGD D . 0.41 9.72 -5.29
O2B MGD D . 1.12 7.46 -6.18
O3B MGD D . 1.68 8.15 -3.90
O3A MGD D . 0.45 8.04 -1.80
PA MGD D . 1.69 8.79 -2.45
O1A MGD D . 2.97 8.31 -1.83
O2A MGD D . 1.45 10.24 -2.56
O5' MGD D . 2.78 9.31 -5.81
C5' MGD D . 3.45 10.26 -5.00
C4' MGD D . 4.19 11.26 -5.86
O4' MGD D . 5.35 10.75 -6.46
C3' MGD D . 3.31 11.74 -7.00
O3' MGD D . 2.97 13.09 -6.71
C2' MGD D . 4.20 11.61 -8.24
O2' MGD D . 4.17 12.76 -9.11
C1' MGD D . 5.56 11.57 -7.59
N9 MGD D . 6.60 11.12 -8.56
C8 MGD D . 6.47 10.53 -9.81
N7 MGD D . 7.64 10.32 -10.38
C5 MGD D . 8.58 10.77 -9.46
C6 MGD D . 9.98 10.82 -9.48
O6 MGD D . 10.67 10.34 -10.40
N1 MGD D . 10.57 11.39 -8.36
C2 MGD D . 9.84 11.86 -7.30
N2 MGD D . 10.47 12.42 -6.26
N3 MGD D . 8.53 11.81 -7.31
C4 MGD D . 7.95 11.26 -8.37
C10 MGD D . 0.35 6.63 -1.88
C11 MGD D . -0.68 6.12 -0.88
O11 MGD D . -1.93 6.80 -1.07
C12 MGD D . -0.89 4.61 -1.00
S12 MGD D . 0.51 3.53 -1.12
C13 MGD D . -2.20 4.08 -0.93
S13 MGD D . -2.50 2.36 -1.16
C14 MGD D . -3.39 5.00 -0.70
N15 MGD D . -4.12 5.17 -1.96
C16 MGD D . -4.98 6.25 -1.98
C17 MGD D . -6.00 6.32 -3.00
O17 MGD D . -6.27 5.37 -3.74
N18 MGD D . -6.79 7.46 -3.00
C19 MGD D . -6.62 8.46 -2.07
N19 MGD D . -7.29 9.59 -2.16
N20 MGD D . -5.70 8.35 -1.12
C21 MGD D . -4.87 7.28 -1.05
N22 MGD D . -3.95 7.24 -0.04
C23 MGD D . -2.88 6.30 -0.19
MO 6MO E . -0.30 1.32 -1.40
#